data_4BY5
#
_entry.id   4BY5
#
_cell.length_a   55.984
_cell.length_b   131.192
_cell.length_c   56.710
_cell.angle_alpha   90.00
_cell.angle_beta   91.07
_cell.angle_gamma   90.00
#
_symmetry.space_group_name_H-M   'P 1 21 1'
#
loop_
_entity.id
_entity.type
_entity.pdbx_description
1 polymer FI18190P1
2 non-polymer 'CALCIUM ION'
3 non-polymer 'SODIUM ION'
4 water water
#
_entity_poly.entity_id   1
_entity_poly.type   'polypeptide(L)'
_entity_poly.pdbx_seq_one_letter_code
;MGKKNSKLKQDTIDRLTTDTYFTEKEIRQWHKGFLKDCPNGLLTEQGFIKIYKQFFPDGDPSKFASLVFRVFDENNDGAI
EFEEFIRALSITSRGNLDEKLHWAFRLYDVDNDGYITREEMYNIVDAIYQMVGQQPQTEDENTPQKRVDKIFDQMDKNHD
DRLTLEEFREGSKADPRMVQALSLGGD
;
_entity_poly.pdbx_strand_id   A,B,C,D
#
loop_
_chem_comp.id
_chem_comp.type
_chem_comp.name
_chem_comp.formula
CA non-polymer 'CALCIUM ION' 'Ca 2'
NA non-polymer 'SODIUM ION' 'Na 1'
#
# COMPACT_ATOMS: atom_id res chain seq x y z
N ASN A 5 -10.15 -1.62 -4.11
CA ASN A 5 -10.82 -1.62 -5.43
C ASN A 5 -10.57 -2.91 -6.21
N SER A 6 -11.64 -3.50 -6.72
CA SER A 6 -11.58 -4.84 -7.29
C SER A 6 -11.36 -4.82 -8.81
N LYS A 7 -11.48 -3.64 -9.42
CA LYS A 7 -11.20 -3.43 -10.86
C LYS A 7 -9.76 -3.75 -11.28
N LEU A 8 -9.58 -4.47 -12.38
CA LEU A 8 -8.27 -4.69 -12.97
C LEU A 8 -7.78 -3.41 -13.63
N LYS A 9 -6.71 -2.85 -13.08
CA LYS A 9 -6.17 -1.55 -13.52
C LYS A 9 -5.20 -1.68 -14.66
N GLN A 10 -4.98 -0.64 -15.45
CA GLN A 10 -4.13 -0.84 -16.58
C GLN A 10 -2.66 -1.01 -16.16
N ASP A 11 -2.26 -0.30 -15.14
CA ASP A 11 -0.89 -0.43 -14.62
C ASP A 11 -0.52 -1.91 -14.13
N THR A 12 -1.48 -2.64 -13.57
CA THR A 12 -1.34 -4.06 -13.29
C THR A 12 -1.14 -4.86 -14.60
N ILE A 13 -1.96 -4.60 -15.59
CA ILE A 13 -1.83 -5.27 -16.85
C ILE A 13 -0.46 -5.00 -17.50
N ASP A 14 0.02 -3.77 -17.47
CA ASP A 14 1.29 -3.46 -18.10
C ASP A 14 2.42 -4.22 -17.41
N ARG A 15 2.47 -4.31 -16.10
CA ARG A 15 3.54 -5.06 -15.49
C ARG A 15 3.33 -6.53 -15.82
N LEU A 16 2.08 -7.02 -15.83
CA LEU A 16 1.85 -8.45 -16.13
C LEU A 16 2.29 -8.82 -17.54
N THR A 17 1.92 -8.01 -18.54
CA THR A 17 2.32 -8.32 -19.89
C THR A 17 3.84 -8.19 -20.07
N THR A 18 4.46 -7.31 -19.32
CA THR A 18 5.91 -7.26 -19.36
C THR A 18 6.61 -8.48 -18.77
N ASP A 19 6.13 -8.95 -17.62
CA ASP A 19 6.82 -10.02 -16.92
C ASP A 19 6.34 -11.47 -17.19
N THR A 20 5.15 -11.63 -17.71
CA THR A 20 4.57 -12.98 -17.84
C THR A 20 4.43 -13.35 -19.31
N TYR A 21 4.11 -14.62 -19.55
CA TYR A 21 3.95 -15.11 -20.87
C TYR A 21 2.57 -14.81 -21.40
N PHE A 22 1.69 -14.18 -20.63
CA PHE A 22 0.33 -13.96 -21.07
C PHE A 22 0.17 -12.60 -21.78
N THR A 23 -0.84 -12.54 -22.64
CA THR A 23 -1.14 -11.34 -23.46
C THR A 23 -2.17 -10.57 -22.64
N GLU A 24 -2.42 -9.33 -22.98
CA GLU A 24 -3.46 -8.60 -22.30
C GLU A 24 -4.84 -9.24 -22.49
N LYS A 25 -5.12 -9.78 -23.68
CA LYS A 25 -6.42 -10.41 -23.92
C LYS A 25 -6.58 -11.58 -22.97
N GLU A 26 -5.56 -12.39 -22.78
CA GLU A 26 -5.66 -13.46 -21.79
C GLU A 26 -5.84 -12.97 -20.38
N ILE A 27 -5.10 -11.95 -19.99
CA ILE A 27 -5.20 -11.46 -18.62
C ILE A 27 -6.58 -10.93 -18.31
N ARG A 28 -7.12 -10.13 -19.23
CA ARG A 28 -8.46 -9.58 -19.01
C ARG A 28 -9.54 -10.60 -18.95
N GLN A 29 -9.51 -11.63 -19.78
CA GLN A 29 -10.47 -12.71 -19.63
C GLN A 29 -10.30 -13.55 -18.35
N TRP A 30 -9.07 -13.89 -17.97
CA TRP A 30 -8.79 -14.65 -16.74
C TRP A 30 -9.34 -13.81 -15.61
N HIS A 31 -9.19 -12.50 -15.70
CA HIS A 31 -9.62 -11.66 -14.61
C HIS A 31 -11.10 -11.68 -14.35
N LYS A 32 -11.91 -11.86 -15.40
CA LYS A 32 -13.35 -11.91 -15.19
C LYS A 32 -13.71 -13.17 -14.46
N GLY A 33 -13.08 -14.32 -14.80
CA GLY A 33 -13.20 -15.57 -14.01
C GLY A 33 -12.80 -15.44 -12.54
N PHE A 34 -11.64 -14.83 -12.30
CA PHE A 34 -11.10 -14.64 -10.97
C PHE A 34 -12.09 -13.81 -10.16
N LEU A 35 -12.62 -12.75 -10.74
CA LEU A 35 -13.56 -11.93 -10.02
C LEU A 35 -14.85 -12.69 -9.64
N LYS A 36 -15.27 -13.61 -10.51
CA LYS A 36 -16.52 -14.30 -10.34
C LYS A 36 -16.32 -15.07 -9.08
N ASP A 37 -15.22 -15.80 -9.08
CA ASP A 37 -14.86 -16.59 -7.93
C ASP A 37 -14.48 -15.80 -6.72
N CYS A 38 -13.85 -14.63 -6.89
CA CYS A 38 -13.40 -13.88 -5.72
C CYS A 38 -13.82 -12.43 -5.77
N PRO A 39 -15.05 -12.15 -5.32
CA PRO A 39 -15.65 -10.83 -5.49
C PRO A 39 -14.87 -9.64 -4.93
N ASN A 40 -14.15 -9.77 -3.83
CA ASN A 40 -13.31 -8.66 -3.37
C ASN A 40 -11.91 -8.62 -4.01
N GLY A 41 -11.64 -9.51 -4.96
CA GLY A 41 -10.35 -9.60 -5.64
C GLY A 41 -9.25 -10.34 -4.91
N LEU A 42 -9.65 -11.08 -3.88
CA LEU A 42 -8.68 -11.74 -3.03
C LEU A 42 -8.97 -13.17 -2.98
N LEU A 43 -8.03 -14.01 -3.41
CA LEU A 43 -8.23 -15.45 -3.22
C LEU A 43 -7.66 -15.89 -1.86
N THR A 44 -8.50 -16.46 -1.01
CA THR A 44 -8.12 -16.86 0.34
C THR A 44 -7.54 -18.24 0.38
N GLU A 45 -6.94 -18.59 1.52
CA GLU A 45 -6.34 -19.91 1.65
C GLU A 45 -7.38 -21.01 1.56
N GLN A 46 -8.57 -20.82 2.14
CA GLN A 46 -9.62 -21.82 2.07
C GLN A 46 -10.00 -22.02 0.63
N GLY A 47 -10.12 -20.91 -0.10
CA GLY A 47 -10.50 -20.99 -1.50
C GLY A 47 -9.41 -21.71 -2.27
N PHE A 48 -8.13 -21.43 -1.96
CA PHE A 48 -7.04 -22.10 -2.68
C PHE A 48 -7.06 -23.62 -2.45
N ILE A 49 -7.19 -24.06 -1.20
CA ILE A 49 -7.20 -25.45 -0.87
C ILE A 49 -8.37 -26.15 -1.56
N LYS A 50 -9.49 -25.47 -1.63
CA LYS A 50 -10.66 -25.98 -2.32
C LYS A 50 -10.35 -26.34 -3.77
N ILE A 51 -9.50 -25.55 -4.43
CA ILE A 51 -9.11 -25.89 -5.75
C ILE A 51 -8.30 -27.16 -5.78
N TYR A 52 -7.43 -27.36 -4.81
CA TYR A 52 -6.66 -28.60 -4.76
C TYR A 52 -7.53 -29.81 -4.48
N LYS A 53 -8.58 -29.64 -3.67
CA LYS A 53 -9.56 -30.73 -3.47
C LYS A 53 -10.24 -31.12 -4.75
N GLN A 54 -10.51 -30.14 -5.62
CA GLN A 54 -11.13 -30.46 -6.86
C GLN A 54 -10.16 -31.30 -7.66
N PHE A 55 -8.91 -30.87 -7.80
CA PHE A 55 -7.96 -31.68 -8.55
C PHE A 55 -7.65 -33.06 -7.93
N PHE A 56 -7.80 -33.22 -6.62
CA PHE A 56 -7.30 -34.44 -5.94
C PHE A 56 -8.32 -34.94 -4.95
N PRO A 57 -9.41 -35.52 -5.45
CA PRO A 57 -10.60 -35.83 -4.64
C PRO A 57 -10.42 -36.92 -3.63
N ASP A 58 -9.39 -37.70 -3.77
CA ASP A 58 -9.33 -38.87 -2.98
C ASP A 58 -7.97 -38.98 -2.26
N GLY A 59 -7.53 -37.82 -1.75
CA GLY A 59 -6.46 -37.73 -0.75
C GLY A 59 -6.76 -36.51 0.12
N ASP A 60 -5.79 -36.06 0.91
CA ASP A 60 -5.94 -34.86 1.67
C ASP A 60 -4.89 -33.85 1.15
N PRO A 61 -5.31 -32.98 0.23
CA PRO A 61 -4.36 -32.08 -0.40
C PRO A 61 -4.04 -30.83 0.36
N SER A 62 -4.53 -30.71 1.57
CA SER A 62 -4.53 -29.45 2.25
C SER A 62 -3.14 -28.96 2.69
N LYS A 63 -2.29 -29.86 3.14
CA LYS A 63 -0.95 -29.51 3.53
C LYS A 63 -0.11 -28.95 2.38
N PHE A 64 -0.09 -29.64 1.27
CA PHE A 64 0.59 -29.21 0.06
C PHE A 64 0.02 -27.91 -0.49
N ALA A 65 -1.30 -27.77 -0.51
CA ALA A 65 -1.94 -26.52 -1.00
C ALA A 65 -1.63 -25.30 -0.18
N SER A 66 -1.47 -25.51 1.13
CA SER A 66 -1.05 -24.44 2.02
C SER A 66 0.38 -24.05 1.76
N LEU A 67 1.25 -25.02 1.50
CA LEU A 67 2.59 -24.70 1.14
C LEU A 67 2.65 -23.93 -0.17
N VAL A 68 1.91 -24.36 -1.18
CA VAL A 68 1.86 -23.63 -2.43
C VAL A 68 1.22 -22.23 -2.29
N PHE A 69 0.15 -22.09 -1.49
CA PHE A 69 -0.46 -20.80 -1.27
C PHE A 69 0.54 -19.75 -0.81
N ARG A 70 1.45 -20.15 0.08
CA ARG A 70 2.44 -19.23 0.65
C ARG A 70 3.45 -18.74 -0.35
N VAL A 71 3.78 -19.58 -1.31
CA VAL A 71 4.67 -19.16 -2.37
C VAL A 71 3.89 -18.23 -3.33
N PHE A 72 2.63 -18.56 -3.63
CA PHE A 72 1.81 -17.67 -4.48
C PHE A 72 1.67 -16.28 -3.81
N ASP A 73 1.53 -16.26 -2.47
CA ASP A 73 1.35 -15.05 -1.66
C ASP A 73 2.72 -14.42 -1.39
N GLU A 74 3.18 -13.74 -2.41
CA GLU A 74 4.49 -13.16 -2.49
C GLU A 74 4.70 -12.07 -1.48
N ASN A 75 3.70 -11.23 -1.26
CA ASN A 75 3.87 -10.16 -0.29
C ASN A 75 3.49 -10.56 1.16
N ASN A 76 3.23 -11.84 1.39
CA ASN A 76 2.92 -12.38 2.69
C ASN A 76 1.85 -11.68 3.49
N ASP A 77 0.81 -11.22 2.84
CA ASP A 77 -0.28 -10.63 3.57
C ASP A 77 -1.45 -11.59 3.78
N GLY A 78 -1.26 -12.89 3.53
CA GLY A 78 -2.30 -13.90 3.86
C GLY A 78 -3.37 -13.98 2.76
N ALA A 79 -3.14 -13.27 1.66
CA ALA A 79 -4.06 -13.33 0.53
C ALA A 79 -3.30 -13.42 -0.80
N ILE A 80 -3.94 -14.07 -1.78
CA ILE A 80 -3.48 -14.03 -3.17
C ILE A 80 -4.26 -13.03 -4.02
N GLU A 81 -3.64 -11.92 -4.36
CA GLU A 81 -4.28 -10.97 -5.30
C GLU A 81 -4.10 -11.43 -6.76
N PHE A 82 -4.76 -10.76 -7.70
CA PHE A 82 -4.79 -11.27 -9.04
C PHE A 82 -3.42 -11.33 -9.69
N GLU A 83 -2.65 -10.28 -9.51
CA GLU A 83 -1.35 -10.18 -10.07
C GLU A 83 -0.44 -11.31 -9.58
N GLU A 84 -0.57 -11.68 -8.32
CA GLU A 84 0.17 -12.80 -7.76
C GLU A 84 -0.23 -14.09 -8.40
N PHE A 85 -1.53 -14.29 -8.55
CA PHE A 85 -2.09 -15.50 -9.13
C PHE A 85 -1.56 -15.66 -10.55
N ILE A 86 -1.60 -14.61 -11.34
CA ILE A 86 -1.05 -14.66 -12.68
C ILE A 86 0.45 -14.84 -12.82
N ARG A 87 1.27 -14.15 -11.98
CA ARG A 87 2.70 -14.31 -12.05
C ARG A 87 3.07 -15.76 -11.79
N ALA A 88 2.42 -16.35 -10.79
CA ALA A 88 2.74 -17.76 -10.44
C ALA A 88 2.33 -18.69 -11.59
N LEU A 89 1.10 -18.55 -12.06
CA LEU A 89 0.63 -19.43 -13.15
C LEU A 89 1.43 -19.29 -14.42
N SER A 90 1.90 -18.09 -14.73
CA SER A 90 2.77 -17.90 -15.87
C SER A 90 4.02 -18.77 -15.85
N ILE A 91 4.79 -18.69 -14.75
CA ILE A 91 5.92 -19.52 -14.55
C ILE A 91 5.55 -20.99 -14.60
N THR A 92 4.61 -21.43 -13.77
CA THR A 92 4.37 -22.88 -13.73
C THR A 92 3.72 -23.47 -14.97
N SER A 93 3.06 -22.69 -15.79
CA SER A 93 2.35 -23.30 -16.86
C SER A 93 2.95 -22.90 -18.22
N ARG A 94 3.85 -21.95 -18.26
CA ARG A 94 4.44 -21.54 -19.54
C ARG A 94 5.95 -21.33 -19.47
N GLY A 95 6.53 -21.43 -18.27
CA GLY A 95 7.96 -21.20 -18.11
C GLY A 95 8.89 -22.22 -18.70
N ASN A 96 10.13 -21.82 -18.90
CA ASN A 96 11.13 -22.85 -19.25
C ASN A 96 11.46 -23.69 -17.98
N LEU A 97 12.32 -24.67 -18.12
CA LEU A 97 12.56 -25.56 -17.01
C LEU A 97 13.30 -24.88 -15.86
N ASP A 98 14.20 -23.93 -16.16
CA ASP A 98 14.93 -23.26 -15.10
C ASP A 98 13.94 -22.38 -14.30
N GLU A 99 13.02 -21.73 -14.95
CA GLU A 99 12.09 -20.83 -14.27
C GLU A 99 11.23 -21.63 -13.33
N LYS A 100 10.75 -22.78 -13.79
CA LYS A 100 10.00 -23.67 -12.96
C LYS A 100 10.77 -24.25 -11.81
N LEU A 101 12.02 -24.61 -12.01
CA LEU A 101 12.72 -25.24 -10.89
C LEU A 101 13.11 -24.16 -9.90
N HIS A 102 13.27 -22.92 -10.33
CA HIS A 102 13.48 -21.84 -9.39
C HIS A 102 12.24 -21.57 -8.56
N TRP A 103 11.05 -21.66 -9.18
CA TRP A 103 9.82 -21.44 -8.44
C TRP A 103 9.67 -22.60 -7.42
N ALA A 104 10.00 -23.80 -7.86
CA ALA A 104 9.91 -24.97 -7.01
C ALA A 104 10.94 -24.85 -5.90
N PHE A 105 12.10 -24.25 -6.14
CA PHE A 105 13.05 -24.04 -5.05
C PHE A 105 12.46 -23.16 -3.97
N ARG A 106 11.70 -22.15 -4.38
CA ARG A 106 11.09 -21.29 -3.40
C ARG A 106 10.03 -22.04 -2.61
N LEU A 107 9.37 -23.02 -3.22
CA LEU A 107 8.38 -23.84 -2.54
C LEU A 107 8.93 -24.66 -1.41
N TYR A 108 10.07 -25.30 -1.64
CA TYR A 108 10.74 -26.06 -0.61
C TYR A 108 11.42 -25.15 0.46
N ASP A 109 12.04 -24.06 0.06
CA ASP A 109 12.86 -23.29 0.98
C ASP A 109 11.92 -22.40 1.73
N VAL A 110 11.20 -23.02 2.65
CA VAL A 110 10.12 -22.40 3.38
C VAL A 110 10.59 -21.22 4.29
N ASP A 111 11.78 -21.29 4.87
CA ASP A 111 12.28 -20.14 5.61
C ASP A 111 12.99 -19.18 4.73
N ASN A 112 13.19 -19.49 3.45
CA ASN A 112 13.86 -18.54 2.55
C ASN A 112 15.32 -18.20 3.02
N ASP A 113 16.07 -19.20 3.45
CA ASP A 113 17.46 -19.01 3.89
C ASP A 113 18.39 -19.35 2.75
N GLY A 114 17.88 -19.78 1.59
CA GLY A 114 18.72 -20.07 0.45
C GLY A 114 19.15 -21.53 0.38
N TYR A 115 18.55 -22.38 1.21
CA TYR A 115 18.88 -23.78 1.25
C TYR A 115 17.62 -24.60 1.47
N ILE A 116 17.58 -25.79 0.85
CA ILE A 116 16.64 -26.78 1.27
C ILE A 116 17.28 -27.76 2.22
N THR A 117 16.77 -27.83 3.44
CA THR A 117 17.31 -28.81 4.40
C THR A 117 16.62 -30.12 4.27
N ARG A 118 17.11 -31.09 5.05
CA ARG A 118 16.50 -32.40 5.03
C ARG A 118 15.09 -32.34 5.58
N GLU A 119 14.89 -31.56 6.65
CA GLU A 119 13.56 -31.38 7.25
C GLU A 119 12.60 -30.69 6.26
N GLU A 120 13.02 -29.61 5.60
CA GLU A 120 12.12 -28.89 4.65
C GLU A 120 11.72 -29.78 3.52
N MET A 121 12.66 -30.60 3.09
CA MET A 121 12.40 -31.56 2.07
C MET A 121 11.44 -32.69 2.51
N TYR A 122 11.59 -33.20 3.72
CA TYR A 122 10.75 -34.26 4.17
C TYR A 122 9.34 -33.73 4.17
N ASN A 123 9.24 -32.48 4.54
CA ASN A 123 7.97 -31.87 4.70
C ASN A 123 7.18 -31.76 3.38
N ILE A 124 7.84 -31.37 2.30
CA ILE A 124 7.18 -31.34 1.00
C ILE A 124 6.82 -32.74 0.57
N VAL A 125 7.73 -33.69 0.77
CA VAL A 125 7.50 -35.02 0.25
C VAL A 125 6.34 -35.66 1.03
N ASP A 126 6.29 -35.38 2.32
CA ASP A 126 5.15 -35.83 3.09
C ASP A 126 3.85 -35.18 2.63
N ALA A 127 3.87 -33.88 2.32
CA ALA A 127 2.66 -33.24 1.88
C ALA A 127 2.14 -33.85 0.56
N ILE A 128 3.05 -34.17 -0.36
CA ILE A 128 2.62 -34.77 -1.60
C ILE A 128 2.02 -36.16 -1.35
N TYR A 129 2.64 -37.00 -0.50
CA TYR A 129 2.08 -38.32 -0.19
C TYR A 129 0.69 -38.19 0.36
N GLN A 130 0.47 -37.23 1.26
CA GLN A 130 -0.89 -36.98 1.74
C GLN A 130 -1.84 -36.58 0.60
N MET A 131 -1.38 -35.80 -0.34
CA MET A 131 -2.23 -35.43 -1.46
C MET A 131 -2.60 -36.62 -2.40
N VAL A 132 -1.66 -37.56 -2.67
CA VAL A 132 -1.98 -38.82 -3.38
C VAL A 132 -1.53 -40.06 -2.61
N GLY A 133 -2.44 -40.99 -2.39
CA GLY A 133 -2.19 -42.10 -1.45
C GLY A 133 -1.06 -43.12 -1.59
N GLN A 134 -0.83 -43.66 -2.79
CA GLN A 134 0.20 -44.72 -2.94
C GLN A 134 1.42 -44.31 -3.75
N ASN A 142 9.35 -46.06 -0.56
CA ASN A 142 8.50 -46.75 0.43
C ASN A 142 8.02 -45.86 1.57
N THR A 143 8.92 -45.02 2.07
CA THR A 143 8.55 -43.96 3.00
C THR A 143 9.05 -42.65 2.44
N PRO A 144 8.52 -41.54 2.95
CA PRO A 144 9.02 -40.25 2.55
C PRO A 144 10.45 -40.09 3.02
N GLN A 145 10.80 -40.68 4.15
CA GLN A 145 12.12 -40.52 4.67
C GLN A 145 13.16 -41.14 3.72
N LYS A 146 12.79 -42.25 3.10
CA LYS A 146 13.69 -42.92 2.16
C LYS A 146 13.87 -42.11 0.87
N ARG A 147 12.82 -41.43 0.43
CA ARG A 147 12.89 -40.59 -0.72
C ARG A 147 13.77 -39.39 -0.42
N VAL A 148 13.66 -38.85 0.77
CA VAL A 148 14.51 -37.74 1.15
C VAL A 148 15.96 -38.16 1.14
N ASP A 149 16.29 -39.34 1.67
CA ASP A 149 17.70 -39.71 1.71
C ASP A 149 18.26 -39.87 0.34
N LYS A 150 17.48 -40.51 -0.56
CA LYS A 150 17.82 -40.67 -1.97
C LYS A 150 18.06 -39.39 -2.77
N ILE A 151 17.22 -38.39 -2.56
CA ILE A 151 17.36 -37.09 -3.19
C ILE A 151 18.63 -36.45 -2.69
N PHE A 152 18.85 -36.48 -1.39
CA PHE A 152 20.08 -35.91 -0.87
C PHE A 152 21.31 -36.66 -1.32
N ASP A 153 21.23 -37.98 -1.39
CA ASP A 153 22.35 -38.71 -1.95
C ASP A 153 22.70 -38.26 -3.35
N GLN A 154 21.74 -38.16 -4.26
CA GLN A 154 22.17 -37.67 -5.58
C GLN A 154 22.47 -36.21 -5.63
N MET A 155 21.70 -35.38 -4.93
CA MET A 155 21.78 -33.97 -5.18
C MET A 155 22.72 -33.21 -4.34
N ASP A 156 23.06 -33.70 -3.14
CA ASP A 156 23.86 -32.92 -2.21
C ASP A 156 25.35 -33.19 -2.43
N LYS A 157 25.93 -32.49 -3.40
CA LYS A 157 27.31 -32.74 -3.84
C LYS A 157 28.42 -32.45 -2.84
N ASN A 158 28.22 -31.53 -1.92
CA ASN A 158 29.23 -31.25 -0.90
C ASN A 158 28.86 -31.83 0.47
N HIS A 159 27.86 -32.70 0.53
CA HIS A 159 27.51 -33.38 1.76
C HIS A 159 27.41 -32.50 3.00
N ASP A 160 26.70 -31.39 2.93
CA ASP A 160 26.55 -30.55 4.12
C ASP A 160 25.08 -30.56 4.57
N ASP A 161 24.37 -31.62 4.15
CA ASP A 161 22.95 -31.82 4.47
C ASP A 161 22.01 -30.73 4.05
N ARG A 162 22.40 -29.99 3.03
CA ARG A 162 21.55 -28.96 2.45
C ARG A 162 21.75 -28.82 0.96
N LEU A 163 20.70 -28.37 0.33
CA LEU A 163 20.68 -28.16 -1.14
C LEU A 163 20.57 -26.70 -1.47
N THR A 164 21.56 -26.22 -2.17
CA THR A 164 21.51 -24.86 -2.79
C THR A 164 20.61 -24.90 -4.00
N LEU A 165 20.31 -23.72 -4.51
CA LEU A 165 19.49 -23.63 -5.72
C LEU A 165 20.19 -24.33 -6.86
N GLU A 166 21.50 -24.14 -6.99
CA GLU A 166 22.19 -24.83 -8.02
C GLU A 166 22.15 -26.34 -7.84
N GLU A 167 22.41 -26.85 -6.66
CA GLU A 167 22.39 -28.30 -6.49
C GLU A 167 21.00 -28.85 -6.80
N PHE A 168 19.93 -28.19 -6.32
CA PHE A 168 18.58 -28.67 -6.43
C PHE A 168 18.17 -28.59 -7.89
N ARG A 169 18.51 -27.49 -8.53
CA ARG A 169 18.12 -27.31 -9.90
C ARG A 169 18.90 -28.23 -10.80
N GLU A 170 20.19 -28.29 -10.65
CA GLU A 170 20.92 -29.22 -11.49
C GLU A 170 20.62 -30.67 -11.22
N GLY A 171 20.35 -31.06 -9.97
CA GLY A 171 20.01 -32.43 -9.65
C GLY A 171 18.67 -32.78 -10.24
N SER A 172 17.75 -31.83 -10.15
CA SER A 172 16.41 -31.99 -10.67
C SER A 172 16.46 -32.14 -12.17
N LYS A 173 17.47 -31.55 -12.81
CA LYS A 173 17.54 -31.65 -14.24
C LYS A 173 18.24 -32.89 -14.70
N ALA A 174 17.42 -33.81 -15.17
CA ALA A 174 17.87 -35.06 -15.73
C ALA A 174 18.62 -34.79 -17.02
N ASP A 175 19.53 -35.70 -17.35
CA ASP A 175 20.12 -35.68 -18.67
C ASP A 175 18.98 -35.97 -19.60
N PRO A 176 18.93 -35.30 -20.76
CA PRO A 176 17.86 -35.66 -21.74
C PRO A 176 17.91 -37.14 -22.10
N ARG A 177 16.73 -37.74 -22.26
CA ARG A 177 16.57 -39.18 -22.47
C ARG A 177 17.47 -39.68 -23.56
N MET A 178 17.58 -38.88 -24.62
CA MET A 178 18.43 -39.19 -25.75
C MET A 178 19.88 -39.27 -25.40
N VAL A 179 20.32 -38.38 -24.52
CA VAL A 179 21.71 -38.37 -24.06
C VAL A 179 21.95 -39.61 -23.20
N GLN A 180 21.00 -39.95 -22.35
CA GLN A 180 21.19 -41.10 -21.51
C GLN A 180 21.48 -42.29 -22.43
N ALA A 181 20.60 -42.48 -23.42
CA ALA A 181 20.72 -43.59 -24.38
C ALA A 181 22.13 -43.77 -24.99
N LEU A 182 22.91 -42.71 -25.16
CA LEU A 182 24.24 -42.86 -25.75
C LEU A 182 25.21 -43.57 -24.79
N ASN B 5 -12.13 19.43 -36.51
CA ASN B 5 -12.53 20.79 -36.97
C ASN B 5 -11.81 21.84 -36.18
N SER B 6 -12.35 23.04 -36.16
CA SER B 6 -11.74 24.05 -35.29
C SER B 6 -12.65 24.42 -34.13
N LYS B 7 -13.96 24.31 -34.28
CA LYS B 7 -14.87 24.65 -33.22
C LYS B 7 -14.76 23.78 -31.97
N LEU B 8 -14.84 24.42 -30.83
CA LEU B 8 -14.97 23.71 -29.58
C LEU B 8 -16.37 23.16 -29.50
N LYS B 9 -16.49 21.85 -29.68
CA LYS B 9 -17.78 21.16 -29.59
C LYS B 9 -18.27 20.93 -28.18
N GLN B 10 -19.59 20.93 -28.04
CA GLN B 10 -20.16 20.76 -26.71
C GLN B 10 -19.81 19.41 -26.09
N ASP B 11 -19.76 18.40 -26.93
CA ASP B 11 -19.45 17.09 -26.44
C ASP B 11 -18.01 17.04 -25.84
N THR B 12 -17.07 17.72 -26.48
CA THR B 12 -15.74 17.83 -25.93
C THR B 12 -15.79 18.58 -24.61
N ILE B 13 -16.56 19.65 -24.52
CA ILE B 13 -16.76 20.29 -23.25
C ILE B 13 -17.36 19.41 -22.14
N ASP B 14 -18.41 18.66 -22.45
CA ASP B 14 -19.01 17.79 -21.44
C ASP B 14 -17.99 16.80 -20.89
N ARG B 15 -17.13 16.19 -21.73
CA ARG B 15 -16.17 15.25 -21.18
C ARG B 15 -15.16 16.01 -20.32
N LEU B 16 -14.73 17.16 -20.78
CA LEU B 16 -13.75 17.93 -20.03
C LEU B 16 -14.26 18.46 -18.70
N THR B 17 -15.51 18.89 -18.61
CA THR B 17 -15.99 19.28 -17.30
C THR B 17 -16.10 18.11 -16.39
N THR B 18 -16.54 16.96 -16.90
CA THR B 18 -16.66 15.80 -16.01
C THR B 18 -15.31 15.29 -15.49
N ASP B 19 -14.28 15.30 -16.33
CA ASP B 19 -13.05 14.66 -15.96
C ASP B 19 -11.99 15.57 -15.33
N THR B 20 -12.08 16.88 -15.53
CA THR B 20 -11.01 17.76 -15.11
C THR B 20 -11.42 18.72 -14.00
N TYR B 21 -10.45 19.49 -13.50
CA TYR B 21 -10.72 20.47 -12.45
C TYR B 21 -11.08 21.85 -13.03
N PHE B 22 -11.31 21.94 -14.33
CA PHE B 22 -11.60 23.22 -14.96
C PHE B 22 -13.08 23.36 -15.18
N THR B 23 -13.57 24.60 -15.09
CA THR B 23 -14.98 24.85 -15.48
C THR B 23 -15.12 25.06 -16.95
N GLU B 24 -16.37 25.04 -17.40
CA GLU B 24 -16.74 25.26 -18.79
C GLU B 24 -16.30 26.65 -19.19
N LYS B 25 -16.55 27.65 -18.36
CA LYS B 25 -16.02 28.96 -18.71
C LYS B 25 -14.52 28.98 -18.88
N GLU B 26 -13.74 28.35 -18.00
CA GLU B 26 -12.31 28.29 -18.25
C GLU B 26 -11.99 27.56 -19.52
N ILE B 27 -12.63 26.44 -19.75
CA ILE B 27 -12.34 25.68 -20.95
C ILE B 27 -12.66 26.49 -22.19
N ARG B 28 -13.81 27.16 -22.21
CA ARG B 28 -14.18 27.97 -23.40
C ARG B 28 -13.20 29.12 -23.64
N GLN B 29 -12.79 29.78 -22.56
CA GLN B 29 -11.74 30.86 -22.61
C GLN B 29 -10.36 30.40 -23.11
N TRP B 30 -9.81 29.31 -22.56
CA TRP B 30 -8.50 28.80 -22.99
C TRP B 30 -8.54 28.36 -24.43
N HIS B 31 -9.66 27.83 -24.91
CA HIS B 31 -9.73 27.42 -26.28
C HIS B 31 -9.49 28.56 -27.26
N LYS B 32 -9.91 29.77 -26.90
CA LYS B 32 -9.77 30.91 -27.81
C LYS B 32 -8.32 31.18 -28.02
N GLY B 33 -7.56 31.23 -26.92
CA GLY B 33 -6.11 31.34 -27.03
C GLY B 33 -5.43 30.18 -27.75
N PHE B 34 -5.83 28.94 -27.46
CA PHE B 34 -5.21 27.79 -28.09
C PHE B 34 -5.35 27.91 -29.63
N LEU B 35 -6.51 28.34 -30.09
CA LEU B 35 -6.75 28.47 -31.51
C LEU B 35 -5.91 29.57 -32.14
N LYS B 36 -5.72 30.71 -31.49
CA LYS B 36 -4.95 31.79 -32.08
C LYS B 36 -3.63 31.20 -32.45
N ASP B 37 -3.02 30.63 -31.43
CA ASP B 37 -1.79 29.93 -31.60
C ASP B 37 -1.82 28.73 -32.50
N CYS B 38 -2.88 27.92 -32.43
CA CYS B 38 -2.94 26.74 -33.29
C CYS B 38 -4.28 26.66 -34.05
N PRO B 39 -4.45 27.43 -35.17
CA PRO B 39 -5.78 27.40 -35.77
C PRO B 39 -6.10 26.08 -36.50
N ASN B 40 -5.10 25.22 -36.57
CA ASN B 40 -5.24 23.80 -36.87
C ASN B 40 -6.14 23.09 -35.86
N GLY B 41 -6.13 23.61 -34.64
CA GLY B 41 -6.65 22.91 -33.50
C GLY B 41 -5.60 21.91 -32.98
N LEU B 42 -4.45 21.87 -33.62
CA LEU B 42 -3.43 20.88 -33.33
C LEU B 42 -2.16 21.57 -32.97
N LEU B 43 -1.62 21.25 -31.79
CA LEU B 43 -0.40 21.89 -31.32
C LEU B 43 0.78 21.00 -31.65
N THR B 44 1.78 21.51 -32.38
CA THR B 44 2.92 20.70 -32.78
C THR B 44 4.02 20.54 -31.75
N GLU B 45 4.86 19.52 -31.98
CA GLU B 45 6.01 19.28 -31.16
C GLU B 45 6.96 20.46 -31.20
N GLN B 46 7.12 21.09 -32.36
CA GLN B 46 7.93 22.33 -32.47
C GLN B 46 7.23 23.40 -31.69
N GLY B 47 5.90 23.47 -31.82
CA GLY B 47 5.17 24.38 -30.97
C GLY B 47 5.38 24.17 -29.47
N PHE B 48 5.41 22.91 -29.05
CA PHE B 48 5.49 22.62 -27.66
C PHE B 48 6.83 23.07 -27.17
N ILE B 49 7.86 22.80 -27.95
CA ILE B 49 9.22 23.16 -27.54
C ILE B 49 9.37 24.68 -27.37
N LYS B 50 8.66 25.44 -28.20
CA LYS B 50 8.70 26.91 -28.11
C LYS B 50 8.20 27.36 -26.75
N ILE B 51 7.17 26.71 -26.26
CA ILE B 51 6.59 27.09 -24.99
C ILE B 51 7.63 26.95 -23.87
N TYR B 52 8.44 25.91 -23.99
CA TYR B 52 9.44 25.59 -22.99
C TYR B 52 10.65 26.51 -23.08
N LYS B 53 11.00 26.95 -24.29
CA LYS B 53 12.06 27.95 -24.44
C LYS B 53 11.66 29.25 -23.76
N GLN B 54 10.39 29.63 -23.79
CA GLN B 54 9.99 30.82 -23.09
C GLN B 54 10.12 30.62 -21.59
N PHE B 55 9.63 29.51 -21.05
CA PHE B 55 9.81 29.29 -19.60
C PHE B 55 11.29 29.17 -19.23
N PHE B 56 12.12 28.72 -20.19
CA PHE B 56 13.54 28.48 -19.90
C PHE B 56 14.46 29.01 -20.99
N PRO B 57 14.63 30.34 -21.02
CA PRO B 57 15.37 31.01 -22.08
C PRO B 57 16.80 30.54 -22.29
N ASP B 58 17.49 30.19 -21.21
CA ASP B 58 18.93 29.99 -21.38
C ASP B 58 19.40 28.57 -21.56
N GLY B 59 18.53 27.59 -21.32
CA GLY B 59 18.88 26.18 -21.45
C GLY B 59 18.47 25.63 -22.80
N ASP B 60 18.61 24.33 -22.97
CA ASP B 60 18.02 23.71 -24.11
C ASP B 60 16.96 22.78 -23.55
N PRO B 61 15.71 23.20 -23.63
CA PRO B 61 14.60 22.44 -23.09
C PRO B 61 13.99 21.45 -24.09
N SER B 62 14.58 21.35 -25.28
CA SER B 62 14.14 20.47 -26.32
C SER B 62 13.91 18.99 -25.90
N LYS B 63 14.88 18.41 -25.19
CA LYS B 63 14.79 17.01 -24.80
C LYS B 63 13.67 16.77 -23.79
N PHE B 64 13.56 17.63 -22.79
CA PHE B 64 12.50 17.54 -21.84
C PHE B 64 11.11 17.77 -22.43
N ALA B 65 10.98 18.81 -23.25
CA ALA B 65 9.73 19.16 -23.84
C ALA B 65 9.26 18.05 -24.75
N SER B 66 10.18 17.38 -25.46
CA SER B 66 9.77 16.25 -26.29
C SER B 66 9.28 15.05 -25.50
N LEU B 67 9.89 14.79 -24.34
CA LEU B 67 9.43 13.77 -23.46
C LEU B 67 8.00 14.05 -22.96
N VAL B 68 7.76 15.25 -22.50
CA VAL B 68 6.47 15.71 -22.02
C VAL B 68 5.44 15.75 -23.12
N PHE B 69 5.81 16.12 -24.33
CA PHE B 69 4.89 16.21 -25.43
C PHE B 69 4.27 14.86 -25.64
N ARG B 70 5.07 13.81 -25.51
CA ARG B 70 4.57 12.44 -25.75
C ARG B 70 3.56 11.95 -24.75
N VAL B 71 3.74 12.29 -23.47
CA VAL B 71 2.68 12.01 -22.52
C VAL B 71 1.41 12.85 -22.76
N PHE B 72 1.56 14.10 -23.18
CA PHE B 72 0.40 14.95 -23.52
C PHE B 72 -0.39 14.28 -24.66
N ASP B 73 0.35 13.74 -25.62
CA ASP B 73 -0.21 13.14 -26.84
C ASP B 73 -0.66 11.71 -26.56
N GLU B 74 -1.77 11.60 -25.87
CA GLU B 74 -2.31 10.32 -25.44
C GLU B 74 -2.60 9.29 -26.53
N ASN B 75 -3.01 9.73 -27.71
CA ASN B 75 -3.40 8.81 -28.78
C ASN B 75 -2.31 8.57 -29.80
N ASN B 76 -1.13 9.07 -29.47
CA ASN B 76 0.11 8.88 -30.23
C ASN B 76 0.07 9.19 -31.71
N ASP B 77 -0.72 10.20 -32.04
CA ASP B 77 -0.89 10.58 -33.41
C ASP B 77 0.02 11.74 -33.83
N GLY B 78 0.95 12.13 -32.97
CA GLY B 78 1.87 13.20 -33.28
C GLY B 78 1.42 14.61 -33.02
N ALA B 79 0.22 14.81 -32.52
CA ALA B 79 -0.22 16.17 -32.29
C ALA B 79 -0.93 16.22 -30.93
N ILE B 80 -0.98 17.41 -30.34
CA ILE B 80 -1.76 17.58 -29.12
C ILE B 80 -2.96 18.36 -29.52
N GLU B 81 -4.13 17.77 -29.40
CA GLU B 81 -5.31 18.55 -29.63
C GLU B 81 -5.79 19.06 -28.30
N PHE B 82 -6.84 19.91 -28.34
CA PHE B 82 -7.26 20.70 -27.23
C PHE B 82 -7.54 19.85 -26.03
N GLU B 83 -8.26 18.76 -26.25
CA GLU B 83 -8.74 17.95 -25.18
C GLU B 83 -7.54 17.36 -24.47
N GLU B 84 -6.55 16.95 -25.22
CA GLU B 84 -5.34 16.41 -24.65
C GLU B 84 -4.60 17.41 -23.85
N PHE B 85 -4.55 18.65 -24.29
CA PHE B 85 -3.84 19.70 -23.63
C PHE B 85 -4.48 20.03 -22.28
N ILE B 86 -5.80 20.24 -22.25
CA ILE B 86 -6.53 20.51 -21.02
C ILE B 86 -6.51 19.35 -20.02
N ARG B 87 -6.66 18.11 -20.38
CA ARG B 87 -6.52 16.97 -19.49
C ARG B 87 -5.13 16.87 -18.92
N ALA B 88 -4.11 17.03 -19.68
CA ALA B 88 -2.82 17.04 -19.05
C ALA B 88 -2.66 18.24 -18.04
N LEU B 89 -3.05 19.43 -18.41
CA LEU B 89 -2.87 20.56 -17.51
C LEU B 89 -3.73 20.44 -16.26
N SER B 90 -4.90 19.81 -16.34
CA SER B 90 -5.70 19.55 -15.18
C SER B 90 -5.01 18.69 -14.12
N ILE B 91 -4.40 17.57 -14.48
CA ILE B 91 -3.66 16.79 -13.53
C ILE B 91 -2.47 17.55 -13.01
N THR B 92 -1.67 18.12 -13.89
CA THR B 92 -0.37 18.67 -13.43
C THR B 92 -0.58 19.95 -12.63
N SER B 93 -1.53 20.76 -12.99
CA SER B 93 -1.62 22.03 -12.29
C SER B 93 -2.71 22.07 -11.21
N ARG B 94 -3.59 21.07 -11.17
CA ARG B 94 -4.70 21.10 -10.22
C ARG B 94 -4.93 19.78 -9.52
N GLY B 95 -4.21 18.74 -9.89
CA GLY B 95 -4.43 17.39 -9.35
C GLY B 95 -3.95 17.19 -7.92
N ASN B 96 -4.39 16.10 -7.28
CA ASN B 96 -3.83 15.74 -5.95
C ASN B 96 -2.52 15.06 -6.17
N LEU B 97 -1.75 14.83 -5.10
CA LEU B 97 -0.37 14.36 -5.26
C LEU B 97 -0.36 12.98 -5.96
N ASP B 98 -1.34 12.12 -5.67
CA ASP B 98 -1.38 10.85 -6.34
C ASP B 98 -1.57 10.94 -7.85
N GLU B 99 -2.46 11.80 -8.27
CA GLU B 99 -2.75 11.96 -9.67
C GLU B 99 -1.52 12.51 -10.30
N LYS B 100 -0.83 13.43 -9.62
CA LYS B 100 0.34 13.96 -10.21
C LYS B 100 1.48 12.95 -10.34
N LEU B 101 1.62 12.06 -9.36
CA LEU B 101 2.63 11.09 -9.37
C LEU B 101 2.36 10.04 -10.43
N HIS B 102 1.11 9.63 -10.61
CA HIS B 102 0.79 8.70 -11.71
C HIS B 102 1.18 9.36 -13.07
N TRP B 103 0.92 10.64 -13.23
CA TRP B 103 1.22 11.28 -14.49
C TRP B 103 2.76 11.36 -14.65
N ALA B 104 3.47 11.60 -13.57
CA ALA B 104 4.91 11.60 -13.60
C ALA B 104 5.47 10.21 -13.91
N PHE B 105 4.89 9.11 -13.39
CA PHE B 105 5.39 7.81 -13.71
C PHE B 105 5.34 7.62 -15.23
N ARG B 106 4.28 8.08 -15.84
CA ARG B 106 4.16 7.98 -17.27
C ARG B 106 5.16 8.77 -18.07
N LEU B 107 5.56 9.93 -17.59
CA LEU B 107 6.67 10.63 -18.19
C LEU B 107 7.96 9.79 -18.16
N TYR B 108 8.28 9.11 -17.05
CA TYR B 108 9.47 8.31 -17.00
C TYR B 108 9.32 7.02 -17.83
N ASP B 109 8.17 6.38 -17.71
CA ASP B 109 7.98 5.09 -18.33
C ASP B 109 7.65 5.24 -19.80
N VAL B 110 8.69 5.53 -20.56
CA VAL B 110 8.63 5.93 -21.97
C VAL B 110 8.12 4.79 -22.80
N ASP B 111 8.62 3.59 -22.55
CA ASP B 111 8.10 2.45 -23.31
C ASP B 111 6.81 1.88 -22.76
N ASN B 112 6.30 2.50 -21.72
CA ASN B 112 5.02 2.11 -21.21
C ASN B 112 4.93 0.64 -20.77
N ASP B 113 5.99 0.12 -20.17
CA ASP B 113 5.97 -1.28 -19.79
C ASP B 113 5.62 -1.50 -18.33
N GLY B 114 5.28 -0.40 -17.65
CA GLY B 114 4.93 -0.42 -16.24
C GLY B 114 6.11 -0.37 -15.27
N TYR B 115 7.29 -0.04 -15.76
CA TYR B 115 8.44 -0.01 -14.89
C TYR B 115 9.32 1.16 -15.29
N ILE B 116 10.03 1.78 -14.36
CA ILE B 116 11.00 2.80 -14.82
C ILE B 116 12.34 2.18 -14.63
N THR B 117 13.16 2.18 -15.67
CA THR B 117 14.51 1.57 -15.55
C THR B 117 15.51 2.64 -15.21
N ARG B 118 16.77 2.26 -14.93
CA ARG B 118 17.83 3.23 -14.66
C ARG B 118 18.03 4.07 -15.88
N GLU B 119 18.01 3.44 -17.05
CA GLU B 119 18.19 4.16 -18.30
C GLU B 119 17.08 5.20 -18.56
N GLU B 120 15.84 4.77 -18.38
CA GLU B 120 14.68 5.64 -18.51
C GLU B 120 14.78 6.77 -17.51
N MET B 121 15.23 6.44 -16.32
CA MET B 121 15.39 7.48 -15.33
C MET B 121 16.55 8.48 -15.65
N TYR B 122 17.68 7.96 -16.11
CA TYR B 122 18.82 8.82 -16.44
C TYR B 122 18.39 9.79 -17.47
N ASN B 123 17.58 9.34 -18.39
CA ASN B 123 17.15 10.13 -19.51
C ASN B 123 16.36 11.38 -19.13
N ILE B 124 15.37 11.19 -18.27
CA ILE B 124 14.66 12.30 -17.72
C ILE B 124 15.59 13.18 -16.91
N VAL B 125 16.49 12.60 -16.11
CA VAL B 125 17.36 13.43 -15.26
C VAL B 125 18.30 14.24 -16.14
N ASP B 126 18.82 13.65 -17.18
CA ASP B 126 19.61 14.38 -18.10
C ASP B 126 18.85 15.47 -18.79
N ALA B 127 17.62 15.18 -19.18
CA ALA B 127 16.86 16.13 -19.93
C ALA B 127 16.55 17.37 -19.07
N ILE B 128 16.32 17.13 -17.79
CA ILE B 128 16.04 18.21 -16.88
C ILE B 128 17.28 19.11 -16.73
N TYR B 129 18.48 18.51 -16.64
CA TYR B 129 19.74 19.31 -16.52
C TYR B 129 19.93 20.18 -17.72
N GLN B 130 19.64 19.65 -18.90
CA GLN B 130 19.76 20.45 -20.07
C GLN B 130 18.82 21.67 -20.06
N MET B 131 17.60 21.50 -19.55
CA MET B 131 16.63 22.60 -19.54
C MET B 131 16.99 23.68 -18.48
N VAL B 132 17.27 23.22 -17.29
CA VAL B 132 17.38 24.01 -16.10
C VAL B 132 18.80 24.53 -15.90
N GLY B 133 19.79 23.93 -16.55
CA GLY B 133 21.16 24.37 -16.46
C GLY B 133 21.78 23.94 -15.15
N GLN B 134 23.00 24.43 -14.93
CA GLN B 134 23.81 24.11 -13.76
C GLN B 134 23.06 24.59 -12.52
N GLN B 135 22.88 23.66 -11.59
CA GLN B 135 22.23 23.92 -10.32
C GLN B 135 23.06 23.34 -9.17
N PRO B 136 22.99 23.95 -7.98
CA PRO B 136 23.71 23.36 -6.83
C PRO B 136 23.31 21.92 -6.50
N GLN B 137 24.32 21.07 -6.38
CA GLN B 137 24.18 19.70 -5.94
C GLN B 137 25.22 19.45 -4.86
N THR B 138 24.87 18.57 -3.94
CA THR B 138 25.84 17.95 -3.05
C THR B 138 26.61 16.96 -3.92
N GLU B 139 27.81 16.58 -3.49
CA GLU B 139 28.60 15.67 -4.32
C GLU B 139 27.98 14.27 -4.30
N ASP B 140 26.97 14.09 -3.44
CA ASP B 140 26.05 12.97 -3.51
C ASP B 140 25.50 12.86 -4.90
N GLU B 141 25.07 14.01 -5.41
CA GLU B 141 24.19 14.08 -6.55
C GLU B 141 24.74 15.01 -7.63
N ASN B 142 26.07 15.07 -7.76
CA ASN B 142 26.65 16.10 -8.62
C ASN B 142 26.75 15.66 -10.06
N THR B 143 26.13 14.53 -10.37
CA THR B 143 26.25 13.89 -11.66
C THR B 143 24.85 13.26 -11.92
N PRO B 144 24.40 13.19 -13.18
CA PRO B 144 23.09 12.56 -13.42
C PRO B 144 23.10 11.09 -13.00
N GLN B 145 24.18 10.37 -13.32
CA GLN B 145 24.36 9.00 -12.90
C GLN B 145 24.30 8.86 -11.38
N LYS B 146 24.93 9.76 -10.69
CA LYS B 146 24.89 9.73 -9.25
C LYS B 146 23.50 9.99 -8.71
N ARG B 147 22.77 10.92 -9.34
CA ARG B 147 21.40 11.17 -8.90
C ARG B 147 20.54 9.92 -9.15
N VAL B 148 20.69 9.27 -10.30
CA VAL B 148 19.94 8.06 -10.59
C VAL B 148 20.28 6.97 -9.60
N ASP B 149 21.56 6.75 -9.32
CA ASP B 149 21.93 5.70 -8.40
C ASP B 149 21.35 5.94 -7.05
N LYS B 150 21.40 7.18 -6.60
CA LYS B 150 20.80 7.53 -5.32
C LYS B 150 19.31 7.26 -5.26
N ILE B 151 18.60 7.61 -6.32
CA ILE B 151 17.16 7.37 -6.37
C ILE B 151 16.78 5.89 -6.26
N PHE B 152 17.45 5.06 -7.03
CA PHE B 152 17.21 3.63 -6.98
C PHE B 152 17.58 3.06 -5.63
N ASP B 153 18.70 3.50 -5.07
CA ASP B 153 19.10 2.99 -3.76
C ASP B 153 18.00 3.26 -2.84
N GLN B 154 17.44 4.46 -2.94
CA GLN B 154 16.39 4.92 -2.07
C GLN B 154 15.06 4.20 -2.30
N MET B 155 14.61 4.07 -3.56
CA MET B 155 13.22 3.61 -3.90
C MET B 155 13.07 2.18 -4.42
N ASP B 156 14.12 1.58 -4.97
CA ASP B 156 14.00 0.24 -5.54
C ASP B 156 14.10 -0.85 -4.42
N LYS B 157 12.97 -1.07 -3.76
CA LYS B 157 12.93 -1.86 -2.55
C LYS B 157 13.22 -3.35 -2.75
N ASN B 158 12.98 -3.87 -3.94
CA ASN B 158 13.30 -5.24 -4.19
C ASN B 158 14.51 -5.44 -5.08
N HIS B 159 15.30 -4.39 -5.30
CA HIS B 159 16.59 -4.48 -6.00
C HIS B 159 16.54 -5.20 -7.34
N ASP B 160 15.53 -4.90 -8.16
CA ASP B 160 15.48 -5.57 -9.46
C ASP B 160 15.78 -4.56 -10.53
N ASP B 161 16.35 -3.43 -10.13
CA ASP B 161 16.77 -2.37 -11.04
C ASP B 161 15.64 -1.76 -11.82
N ARG B 162 14.44 -1.83 -11.28
CA ARG B 162 13.32 -1.15 -11.92
C ARG B 162 12.38 -0.62 -10.86
N LEU B 163 11.59 0.38 -11.19
CA LEU B 163 10.66 0.93 -10.22
C LEU B 163 9.26 0.72 -10.69
N THR B 164 8.43 0.05 -9.90
CA THR B 164 7.00 -0.01 -10.24
C THR B 164 6.36 1.32 -9.89
N LEU B 165 5.09 1.49 -10.24
CA LEU B 165 4.36 2.65 -9.86
C LEU B 165 4.34 2.81 -8.35
N GLU B 166 4.07 1.74 -7.64
CA GLU B 166 4.03 1.83 -6.21
C GLU B 166 5.40 2.22 -5.62
N GLU B 167 6.49 1.70 -6.18
CA GLU B 167 7.79 2.06 -5.65
C GLU B 167 8.09 3.54 -5.90
N PHE B 168 7.76 4.01 -7.11
CA PHE B 168 8.00 5.41 -7.49
C PHE B 168 7.13 6.36 -6.66
N ARG B 169 5.89 5.99 -6.30
CA ARG B 169 5.02 6.91 -5.53
CA ARG B 169 4.98 6.91 -5.56
C ARG B 169 5.32 7.05 -4.09
N GLU B 170 5.48 5.89 -3.53
CA GLU B 170 5.91 5.79 -2.18
C GLU B 170 7.26 6.44 -1.92
N GLY B 171 8.23 6.22 -2.79
CA GLY B 171 9.55 6.83 -2.69
C GLY B 171 9.49 8.33 -2.89
N SER B 172 8.62 8.79 -3.78
CA SER B 172 8.42 10.18 -4.11
C SER B 172 7.79 10.99 -3.01
N LYS B 173 6.92 10.37 -2.24
CA LYS B 173 6.31 11.02 -1.10
C LYS B 173 7.34 11.30 -0.01
N ALA B 174 8.27 10.38 0.15
CA ALA B 174 9.49 10.56 0.95
C ALA B 174 10.59 11.53 0.37
N ASP B 175 10.74 11.61 -0.94
CA ASP B 175 11.76 12.47 -1.56
C ASP B 175 11.13 13.19 -2.75
N PRO B 176 10.53 14.34 -2.49
CA PRO B 176 9.68 15.09 -3.41
C PRO B 176 10.16 15.50 -4.83
N ARG B 177 11.47 15.59 -5.09
CA ARG B 177 12.00 16.12 -6.35
C ARG B 177 11.40 15.47 -7.60
N MET B 178 10.94 14.23 -7.43
CA MET B 178 10.37 13.44 -8.52
C MET B 178 9.08 13.97 -9.18
N VAL B 179 8.12 14.47 -8.39
CA VAL B 179 6.96 15.19 -8.92
C VAL B 179 7.28 16.60 -9.30
N GLN B 180 7.83 17.34 -8.35
CA GLN B 180 7.90 18.78 -8.46
C GLN B 180 8.61 19.20 -9.75
N ALA B 181 9.81 18.64 -9.96
CA ALA B 181 10.64 18.96 -11.10
C ALA B 181 9.93 18.61 -12.41
N LEU B 182 9.14 17.55 -12.39
CA LEU B 182 8.36 17.21 -13.57
C LEU B 182 7.17 18.17 -13.75
N SER B 183 6.83 18.89 -12.68
CA SER B 183 5.81 19.95 -12.76
C SER B 183 6.52 21.30 -12.67
N LEU B 184 7.74 21.27 -13.20
CA LEU B 184 8.43 22.41 -13.76
C LEU B 184 7.51 23.15 -14.71
N LYS C 7 19.80 -16.90 20.56
CA LYS C 7 19.08 -15.94 19.65
C LYS C 7 18.12 -15.04 20.41
N LEU C 8 18.38 -14.74 21.68
CA LEU C 8 17.51 -13.77 22.33
C LEU C 8 18.16 -12.46 22.23
N LYS C 9 17.87 -11.77 21.16
CA LYS C 9 18.33 -10.44 21.04
C LYS C 9 17.74 -9.73 22.25
N GLN C 10 18.60 -9.08 23.02
CA GLN C 10 18.13 -8.24 24.10
C GLN C 10 17.28 -7.14 23.46
N ASP C 11 17.58 -6.91 22.20
CA ASP C 11 16.83 -6.06 21.36
C ASP C 11 15.39 -6.52 21.42
N THR C 12 15.20 -7.83 21.24
CA THR C 12 13.88 -8.40 21.24
C THR C 12 13.17 -8.34 22.61
N ILE C 13 13.87 -8.72 23.66
CA ILE C 13 13.31 -8.74 25.00
C ILE C 13 12.71 -7.38 25.27
N ASP C 14 13.38 -6.33 24.84
CA ASP C 14 12.87 -4.99 25.09
C ASP C 14 11.57 -4.70 24.40
N ARG C 15 11.45 -5.07 23.14
CA ARG C 15 10.21 -4.83 22.43
C ARG C 15 9.08 -5.65 23.13
N LEU C 16 9.44 -6.81 23.60
CA LEU C 16 8.49 -7.69 24.22
C LEU C 16 7.97 -7.23 25.57
N THR C 17 8.85 -6.71 26.43
CA THR C 17 8.38 -6.23 27.76
C THR C 17 7.62 -4.93 27.56
N THR C 18 8.02 -4.18 26.55
CA THR C 18 7.35 -2.96 26.24
C THR C 18 5.95 -3.19 25.70
N ASP C 19 5.75 -4.24 24.87
CA ASP C 19 4.44 -4.49 24.23
C ASP C 19 3.59 -5.56 24.91
N THR C 20 4.13 -6.36 25.80
CA THR C 20 3.32 -7.41 26.38
C THR C 20 3.30 -7.28 27.90
N TYR C 21 2.52 -8.15 28.54
CA TYR C 21 2.37 -8.19 29.97
C TYR C 21 3.38 -9.09 30.57
N PHE C 22 4.34 -9.56 29.77
CA PHE C 22 5.32 -10.48 30.30
C PHE C 22 6.58 -9.80 30.89
N THR C 23 7.19 -10.39 31.90
CA THR C 23 8.51 -9.93 32.43
C THR C 23 9.73 -10.51 31.71
N GLU C 24 10.87 -9.85 31.88
CA GLU C 24 12.12 -10.26 31.30
C GLU C 24 12.37 -11.63 31.77
N LYS C 25 12.09 -11.85 33.04
CA LYS C 25 12.36 -13.11 33.68
C LYS C 25 11.59 -14.19 32.97
N GLU C 26 10.30 -13.93 32.82
CA GLU C 26 9.37 -14.83 32.19
C GLU C 26 9.78 -15.08 30.73
N ILE C 27 10.12 -14.01 30.00
CA ILE C 27 10.47 -14.15 28.59
C ILE C 27 11.72 -15.00 28.42
N ARG C 28 12.75 -14.71 29.20
CA ARG C 28 13.99 -15.47 29.16
C ARG C 28 13.81 -16.90 29.56
N GLN C 29 13.01 -17.18 30.58
CA GLN C 29 12.74 -18.58 30.93
C GLN C 29 12.03 -19.35 29.80
N TRP C 30 10.94 -18.80 29.30
CA TRP C 30 10.13 -19.50 28.33
C TRP C 30 10.82 -19.65 27.00
N HIS C 31 11.73 -18.72 26.69
CA HIS C 31 12.54 -18.91 25.52
C HIS C 31 13.25 -20.24 25.53
N LYS C 32 13.73 -20.63 26.71
CA LYS C 32 14.50 -21.84 26.81
C LYS C 32 13.62 -23.01 26.44
N GLY C 33 12.38 -23.00 26.91
CA GLY C 33 11.43 -24.07 26.57
C GLY C 33 11.13 -24.11 25.07
N PHE C 34 11.02 -22.92 24.47
CA PHE C 34 10.79 -22.82 23.03
C PHE C 34 11.88 -23.45 22.18
N LEU C 35 13.13 -23.12 22.49
CA LEU C 35 14.28 -23.63 21.77
C LEU C 35 14.39 -25.11 21.92
N LYS C 36 14.05 -25.62 23.09
CA LYS C 36 14.10 -27.06 23.30
C LYS C 36 13.12 -27.73 22.40
N ASP C 37 11.92 -27.17 22.32
CA ASP C 37 10.93 -27.73 21.41
C ASP C 37 11.22 -27.48 19.96
N CYS C 38 11.66 -26.28 19.61
CA CYS C 38 11.94 -25.99 18.20
C CYS C 38 13.31 -25.43 18.01
N PRO C 39 14.29 -26.31 17.82
CA PRO C 39 15.66 -25.95 17.56
C PRO C 39 15.75 -24.81 16.58
N ASN C 40 14.89 -24.90 15.56
CA ASN C 40 14.79 -23.94 14.51
C ASN C 40 14.64 -22.51 15.01
N GLY C 41 14.02 -22.37 16.16
CA GLY C 41 13.36 -21.12 16.50
C GLY C 41 11.97 -20.98 15.85
N LEU C 42 11.47 -22.04 15.21
CA LEU C 42 10.27 -21.89 14.41
C LEU C 42 9.27 -22.98 14.69
N LEU C 43 8.09 -22.59 15.17
CA LEU C 43 7.10 -23.59 15.51
C LEU C 43 6.14 -23.71 14.33
N THR C 44 6.08 -24.94 13.85
CA THR C 44 5.33 -25.35 12.69
C THR C 44 3.87 -25.68 13.07
N GLU C 45 2.99 -25.77 12.07
CA GLU C 45 1.58 -25.98 12.29
C GLU C 45 1.27 -27.32 12.90
N GLN C 46 1.95 -28.35 12.46
CA GLN C 46 1.66 -29.64 13.00
C GLN C 46 2.26 -29.74 14.40
N GLY C 47 3.37 -29.02 14.65
CA GLY C 47 3.90 -28.89 16.01
C GLY C 47 2.84 -28.23 16.90
N PHE C 48 2.21 -27.17 16.39
CA PHE C 48 1.23 -26.42 17.16
C PHE C 48 0.10 -27.35 17.52
N ILE C 49 -0.30 -28.19 16.59
CA ILE C 49 -1.46 -29.06 16.77
C ILE C 49 -1.20 -30.02 17.91
N LYS C 50 0.05 -30.49 17.99
CA LYS C 50 0.49 -31.39 19.07
C LYS C 50 0.23 -30.76 20.42
N ILE C 51 0.42 -29.45 20.53
CA ILE C 51 0.17 -28.76 21.77
C ILE C 51 -1.27 -28.86 22.22
N TYR C 52 -2.19 -28.62 21.29
CA TYR C 52 -3.59 -28.71 21.59
C TYR C 52 -3.99 -30.12 21.90
N LYS C 53 -3.31 -31.08 21.27
CA LYS C 53 -3.62 -32.48 21.46
C LYS C 53 -3.29 -32.88 22.87
N GLN C 54 -2.24 -32.30 23.45
CA GLN C 54 -2.00 -32.46 24.89
C GLN C 54 -3.16 -31.95 25.72
N PHE C 55 -3.72 -30.79 25.37
CA PHE C 55 -4.85 -30.27 26.13
C PHE C 55 -6.13 -31.08 25.89
N PHE C 56 -6.34 -31.58 24.68
CA PHE C 56 -7.63 -32.22 24.38
C PHE C 56 -7.50 -33.60 23.74
N PRO C 57 -7.17 -34.62 24.55
CA PRO C 57 -6.76 -35.91 23.96
C PRO C 57 -7.89 -36.72 23.29
N ASP C 58 -9.13 -36.57 23.75
CA ASP C 58 -10.26 -37.34 23.19
C ASP C 58 -10.59 -37.01 21.77
N GLY C 59 -10.46 -35.73 21.41
CA GLY C 59 -10.91 -35.24 20.11
C GLY C 59 -9.84 -35.22 19.02
N ASP C 60 -10.19 -34.60 17.90
CA ASP C 60 -9.26 -34.22 16.89
C ASP C 60 -9.18 -32.69 16.95
N PRO C 61 -8.02 -32.15 17.33
CA PRO C 61 -7.96 -30.71 17.56
C PRO C 61 -7.37 -29.95 16.37
N SER C 62 -7.16 -30.65 15.26
CA SER C 62 -6.45 -30.12 14.10
C SER C 62 -7.10 -28.89 13.52
N LYS C 63 -8.41 -28.95 13.40
CA LYS C 63 -9.16 -27.85 12.87
C LYS C 63 -9.12 -26.59 13.74
N PHE C 64 -9.31 -26.70 15.05
CA PHE C 64 -9.26 -25.52 15.91
C PHE C 64 -7.88 -24.97 15.93
N ALA C 65 -6.91 -25.86 16.11
CA ALA C 65 -5.53 -25.43 16.24
C ALA C 65 -5.05 -24.73 14.99
N SER C 66 -5.58 -25.13 13.87
CA SER C 66 -5.19 -24.53 12.61
C SER C 66 -5.69 -23.14 12.47
N LEU C 67 -6.92 -22.93 12.91
CA LEU C 67 -7.47 -21.58 12.87
C LEU C 67 -6.69 -20.68 13.79
N VAL C 68 -6.32 -21.19 14.96
CA VAL C 68 -5.65 -20.38 15.95
C VAL C 68 -4.27 -20.09 15.39
N PHE C 69 -3.70 -21.09 14.73
CA PHE C 69 -2.33 -21.03 14.23
C PHE C 69 -2.19 -19.85 13.29
N ARG C 70 -3.19 -19.64 12.46
CA ARG C 70 -3.16 -18.51 11.57
C ARG C 70 -3.22 -17.13 12.23
N VAL C 71 -3.92 -16.97 13.34
CA VAL C 71 -3.89 -15.70 14.05
C VAL C 71 -2.53 -15.48 14.72
N PHE C 72 -1.93 -16.52 15.29
CA PHE C 72 -0.57 -16.37 15.87
C PHE C 72 0.46 -15.90 14.83
N ASP C 73 0.34 -16.46 13.63
CA ASP C 73 1.29 -16.30 12.56
C ASP C 73 0.95 -15.01 11.79
N GLU C 74 1.29 -13.90 12.42
CA GLU C 74 0.88 -12.59 12.01
C GLU C 74 1.55 -12.27 10.70
N ASN C 75 2.70 -12.88 10.47
CA ASN C 75 3.41 -12.60 9.22
C ASN C 75 3.10 -13.56 8.06
N ASN C 76 2.14 -14.46 8.26
CA ASN C 76 1.69 -15.30 7.16
C ASN C 76 2.78 -16.13 6.50
N ASP C 77 3.87 -16.33 7.19
CA ASP C 77 4.93 -17.15 6.62
C ASP C 77 4.90 -18.66 6.96
N GLY C 78 3.90 -19.14 7.65
CA GLY C 78 3.74 -20.58 7.90
C GLY C 78 4.44 -21.12 9.12
N ALA C 79 5.08 -20.24 9.88
CA ALA C 79 5.76 -20.60 11.11
C ALA C 79 5.47 -19.57 12.24
N ILE C 80 5.44 -20.07 13.46
CA ILE C 80 5.32 -19.18 14.62
C ILE C 80 6.70 -18.97 15.25
N GLU C 81 7.22 -17.77 15.10
CA GLU C 81 8.49 -17.41 15.75
C GLU C 81 8.20 -16.99 17.19
N PHE C 82 9.21 -17.03 18.07
CA PHE C 82 9.05 -16.80 19.50
C PHE C 82 8.30 -15.51 19.78
N GLU C 83 8.66 -14.44 19.08
CA GLU C 83 7.96 -13.19 19.27
C GLU C 83 6.44 -13.20 18.94
N GLU C 84 6.06 -13.90 17.89
CA GLU C 84 4.67 -14.12 17.58
C GLU C 84 4.03 -14.89 18.66
N PHE C 85 4.69 -15.92 19.13
CA PHE C 85 4.17 -16.77 20.21
C PHE C 85 3.90 -15.97 21.49
N ILE C 86 4.88 -15.20 21.97
CA ILE C 86 4.62 -14.44 23.18
C ILE C 86 3.61 -13.29 23.01
N ARG C 87 3.61 -12.57 21.90
CA ARG C 87 2.56 -11.56 21.73
C ARG C 87 1.15 -12.15 21.70
N ALA C 88 0.95 -13.29 21.06
CA ALA C 88 -0.40 -13.86 21.05
C ALA C 88 -0.79 -14.28 22.48
N LEU C 89 0.12 -14.94 23.15
CA LEU C 89 -0.09 -15.34 24.53
C LEU C 89 -0.34 -14.22 25.49
N SER C 90 0.34 -13.08 25.33
CA SER C 90 0.15 -11.99 26.27
C SER C 90 -1.32 -11.59 26.28
N ILE C 91 -1.86 -11.32 25.10
CA ILE C 91 -3.27 -11.02 24.92
C ILE C 91 -4.27 -12.07 25.43
N THR C 92 -4.17 -13.31 24.97
CA THR C 92 -5.15 -14.29 25.36
C THR C 92 -5.03 -14.66 26.83
N SER C 93 -3.82 -14.66 27.43
CA SER C 93 -3.72 -15.07 28.83
C SER C 93 -3.74 -13.89 29.84
N ARG C 94 -3.51 -12.65 29.38
CA ARG C 94 -3.33 -11.55 30.34
C ARG C 94 -4.00 -10.29 29.94
N GLY C 95 -4.76 -10.27 28.83
CA GLY C 95 -5.27 -8.98 28.34
C GLY C 95 -6.55 -8.55 29.02
N ASN C 96 -6.94 -7.33 28.81
CA ASN C 96 -8.25 -6.88 29.25
C ASN C 96 -9.39 -7.41 28.34
N LEU C 97 -10.63 -7.18 28.69
CA LEU C 97 -11.74 -7.70 27.95
C LEU C 97 -11.76 -7.21 26.51
N ASP C 98 -11.49 -5.94 26.28
CA ASP C 98 -11.42 -5.44 24.91
C ASP C 98 -10.36 -6.07 24.03
N GLU C 99 -9.19 -6.26 24.58
CA GLU C 99 -8.08 -6.87 23.89
C GLU C 99 -8.37 -8.31 23.57
N LYS C 100 -9.02 -9.05 24.46
CA LYS C 100 -9.32 -10.41 24.18
C LYS C 100 -10.41 -10.42 23.12
N LEU C 101 -11.33 -9.50 23.17
CA LEU C 101 -12.41 -9.51 22.24
C LEU C 101 -11.91 -9.22 20.86
N HIS C 102 -10.92 -8.36 20.72
CA HIS C 102 -10.34 -8.16 19.45
C HIS C 102 -9.60 -9.37 18.93
N TRP C 103 -9.01 -10.17 19.80
CA TRP C 103 -8.26 -11.30 19.31
C TRP C 103 -9.27 -12.35 18.86
N ALA C 104 -10.34 -12.57 19.60
CA ALA C 104 -11.37 -13.51 19.23
C ALA C 104 -11.99 -13.11 17.86
N PHE C 105 -12.14 -11.82 17.60
CA PHE C 105 -12.66 -11.36 16.34
C PHE C 105 -11.73 -11.77 15.20
N ARG C 106 -10.41 -11.65 15.36
CA ARG C 106 -9.48 -12.13 14.32
C ARG C 106 -9.58 -13.64 14.12
N LEU C 107 -9.81 -14.38 15.18
CA LEU C 107 -9.98 -15.80 15.08
C LEU C 107 -11.27 -16.20 14.31
N TYR C 108 -12.38 -15.54 14.60
CA TYR C 108 -13.64 -15.78 13.91
C TYR C 108 -13.58 -15.31 12.44
N ASP C 109 -12.87 -14.20 12.19
CA ASP C 109 -12.80 -13.61 10.89
C ASP C 109 -11.74 -14.38 10.04
N VAL C 110 -12.16 -15.53 9.58
CA VAL C 110 -11.28 -16.47 8.90
C VAL C 110 -10.61 -15.93 7.66
N ASP C 111 -11.28 -15.14 6.81
CA ASP C 111 -10.59 -14.57 5.63
C ASP C 111 -10.08 -13.19 5.89
N ASN C 112 -10.18 -12.76 7.13
CA ASN C 112 -9.50 -11.53 7.51
C ASN C 112 -9.98 -10.34 6.69
N ASP C 113 -11.26 -10.39 6.30
CA ASP C 113 -11.91 -9.31 5.63
C ASP C 113 -12.54 -8.27 6.57
N GLY C 114 -12.42 -8.42 7.89
CA GLY C 114 -12.95 -7.39 8.78
C GLY C 114 -14.45 -7.51 9.05
N TYR C 115 -15.00 -8.66 8.75
CA TYR C 115 -16.38 -8.95 9.05
C TYR C 115 -16.43 -10.40 9.46
N ILE C 116 -17.36 -10.77 10.32
CA ILE C 116 -17.56 -12.16 10.55
C ILE C 116 -18.86 -12.54 9.90
N THR C 117 -18.83 -13.63 9.16
CA THR C 117 -20.04 -14.20 8.57
C THR C 117 -20.53 -15.40 9.36
N ARG C 118 -21.73 -15.84 8.99
CA ARG C 118 -22.43 -16.88 9.71
C ARG C 118 -21.78 -18.22 9.46
N GLU C 119 -21.27 -18.40 8.25
CA GLU C 119 -20.48 -19.58 7.92
C GLU C 119 -19.18 -19.56 8.73
N GLU C 120 -18.59 -18.38 8.87
CA GLU C 120 -17.32 -18.21 9.64
C GLU C 120 -17.51 -18.63 11.07
N MET C 121 -18.65 -18.24 11.64
CA MET C 121 -18.98 -18.69 12.97
C MET C 121 -19.29 -20.14 13.06
N TYR C 122 -19.94 -20.71 12.04
CA TYR C 122 -20.22 -22.18 12.08
C TYR C 122 -18.91 -22.94 12.10
N ASN C 123 -17.95 -22.47 11.31
CA ASN C 123 -16.69 -23.09 11.14
C ASN C 123 -15.91 -23.14 12.47
N ILE C 124 -15.83 -22.03 13.18
CA ILE C 124 -15.17 -22.04 14.48
C ILE C 124 -15.91 -22.91 15.49
N VAL C 125 -17.23 -22.84 15.56
CA VAL C 125 -17.95 -23.65 16.54
C VAL C 125 -17.79 -25.12 16.22
N ASP C 126 -17.89 -25.50 14.95
CA ASP C 126 -17.68 -26.91 14.55
C ASP C 126 -16.28 -27.38 14.90
N ALA C 127 -15.29 -26.52 14.72
CA ALA C 127 -13.91 -26.87 15.07
C ALA C 127 -13.77 -27.12 16.56
N ILE C 128 -14.51 -26.36 17.37
CA ILE C 128 -14.56 -26.54 18.80
C ILE C 128 -15.19 -27.88 19.12
N TYR C 129 -16.33 -28.17 18.50
CA TYR C 129 -16.97 -29.45 18.72
C TYR C 129 -16.07 -30.61 18.35
N GLN C 130 -15.32 -30.51 17.28
CA GLN C 130 -14.40 -31.59 16.96
C GLN C 130 -13.31 -31.81 18.02
N MET C 131 -12.84 -30.74 18.64
CA MET C 131 -11.72 -30.83 19.55
C MET C 131 -12.24 -31.35 20.87
N VAL C 132 -13.35 -30.78 21.27
CA VAL C 132 -13.82 -30.95 22.62
C VAL C 132 -14.83 -32.09 22.75
N GLY C 133 -15.72 -32.25 21.78
CA GLY C 133 -16.77 -33.27 21.85
C GLY C 133 -16.21 -34.67 21.73
N THR C 143 -30.81 -26.69 17.23
CA THR C 143 -29.75 -27.36 16.48
C THR C 143 -28.52 -26.47 16.31
N PRO C 144 -27.36 -27.11 16.06
CA PRO C 144 -26.10 -26.42 16.21
C PRO C 144 -26.05 -25.14 15.40
N GLN C 145 -26.65 -25.13 14.22
CA GLN C 145 -26.72 -23.93 13.43
C GLN C 145 -27.56 -22.91 14.15
N LYS C 146 -28.72 -23.36 14.59
CA LYS C 146 -29.75 -22.41 14.98
C LYS C 146 -29.24 -21.60 16.15
N ARG C 147 -28.55 -22.28 17.06
CA ARG C 147 -28.08 -21.64 18.27
C ARG C 147 -27.23 -20.47 17.82
N VAL C 148 -26.28 -20.79 16.96
CA VAL C 148 -25.36 -19.85 16.46
C VAL C 148 -26.17 -18.83 15.74
N ASP C 149 -27.13 -19.33 14.99
CA ASP C 149 -27.90 -18.44 14.12
C ASP C 149 -28.59 -17.41 14.99
N LYS C 150 -29.00 -17.81 16.19
CA LYS C 150 -29.65 -16.87 17.08
C LYS C 150 -28.72 -15.87 17.72
N ILE C 151 -27.57 -16.35 18.20
CA ILE C 151 -26.61 -15.45 18.75
C ILE C 151 -26.19 -14.52 17.65
N PHE C 152 -25.94 -15.11 16.48
CA PHE C 152 -25.40 -14.34 15.40
C PHE C 152 -26.38 -13.25 15.13
N ASP C 153 -27.65 -13.65 15.13
CA ASP C 153 -28.73 -12.75 14.82
C ASP C 153 -28.92 -11.65 15.83
N GLN C 154 -28.71 -11.94 17.12
CA GLN C 154 -28.72 -10.88 18.13
C GLN C 154 -27.59 -9.88 17.95
N MET C 155 -26.40 -10.39 17.66
CA MET C 155 -25.26 -9.48 17.52
C MET C 155 -25.38 -8.61 16.28
N ASP C 156 -26.15 -9.11 15.33
CA ASP C 156 -26.26 -8.56 13.99
C ASP C 156 -27.19 -7.34 13.97
N LYS C 157 -26.71 -6.23 14.53
CA LYS C 157 -27.56 -5.07 14.86
C LYS C 157 -28.31 -4.44 13.69
N ASN C 158 -27.61 -4.24 12.59
CA ASN C 158 -28.26 -3.65 11.45
C ASN C 158 -28.64 -4.73 10.43
N HIS C 159 -28.61 -5.97 10.90
CA HIS C 159 -29.20 -7.10 10.21
C HIS C 159 -28.71 -7.49 8.79
N ASP C 160 -27.49 -7.08 8.43
CA ASP C 160 -26.97 -7.28 7.07
C ASP C 160 -26.24 -8.63 6.92
N ASP C 161 -26.37 -9.46 7.96
CA ASP C 161 -25.84 -10.80 7.96
C ASP C 161 -24.31 -10.83 8.00
N ARG C 162 -23.70 -9.75 8.48
CA ARG C 162 -22.28 -9.80 8.75
C ARG C 162 -21.94 -8.94 9.98
N LEU C 163 -20.97 -9.37 10.77
CA LEU C 163 -20.70 -8.69 12.02
C LEU C 163 -19.47 -7.83 11.90
N THR C 164 -19.62 -6.56 12.20
CA THR C 164 -18.43 -5.74 12.33
C THR C 164 -17.84 -6.08 13.68
N LEU C 165 -16.65 -5.52 13.96
CA LEU C 165 -15.99 -5.68 15.24
C LEU C 165 -16.79 -5.08 16.38
N GLU C 166 -17.27 -3.87 16.15
CA GLU C 166 -18.13 -3.19 17.13
C GLU C 166 -19.34 -4.06 17.42
N GLU C 167 -19.95 -4.56 16.37
CA GLU C 167 -21.07 -5.45 16.57
C GLU C 167 -20.67 -6.67 17.35
N PHE C 168 -19.53 -7.26 17.02
CA PHE C 168 -19.03 -8.39 17.79
C PHE C 168 -18.66 -8.05 19.24
N ARG C 169 -18.00 -6.92 19.49
CA ARG C 169 -17.66 -6.58 20.86
C ARG C 169 -18.84 -6.41 21.76
N GLU C 170 -19.70 -5.47 21.41
CA GLU C 170 -20.79 -5.13 22.30
C GLU C 170 -21.73 -6.33 22.46
N GLY C 171 -21.91 -7.06 21.36
CA GLY C 171 -22.72 -8.26 21.38
C GLY C 171 -22.17 -9.23 22.40
N SER C 172 -20.85 -9.22 22.55
CA SER C 172 -20.24 -10.17 23.47
C SER C 172 -20.32 -9.80 24.94
N LYS C 173 -20.46 -8.51 25.24
CA LYS C 173 -20.70 -8.03 26.62
C LYS C 173 -22.07 -8.48 27.15
N ALA C 174 -22.92 -8.98 26.26
CA ALA C 174 -24.17 -9.66 26.62
C ALA C 174 -24.18 -11.17 26.41
N ASP C 175 -23.32 -11.66 25.52
CA ASP C 175 -23.42 -13.03 25.01
C ASP C 175 -22.05 -13.70 25.05
N PRO C 176 -21.52 -13.89 26.24
CA PRO C 176 -20.13 -14.26 26.41
C PRO C 176 -19.64 -15.55 25.73
N ARG C 177 -20.58 -16.42 25.36
CA ARG C 177 -20.30 -17.80 24.96
C ARG C 177 -19.35 -18.00 23.77
N MET C 178 -19.38 -17.09 22.80
CA MET C 178 -18.49 -17.18 21.64
C MET C 178 -17.02 -16.92 21.98
N VAL C 179 -16.81 -15.84 22.74
CA VAL C 179 -15.49 -15.53 23.25
C VAL C 179 -14.98 -16.56 24.24
N GLN C 180 -15.86 -17.04 25.12
CA GLN C 180 -15.41 -17.92 26.16
C GLN C 180 -14.87 -19.13 25.47
N ALA C 181 -15.63 -19.60 24.49
CA ALA C 181 -15.29 -20.83 23.80
C ALA C 181 -13.86 -20.69 23.27
N LEU C 182 -13.56 -19.55 22.66
CA LEU C 182 -12.21 -19.28 22.23
C LEU C 182 -11.25 -19.52 23.39
N SER C 183 -11.77 -19.52 24.61
CA SER C 183 -10.91 -19.45 25.79
C SER C 183 -9.83 -20.52 25.76
N LEU C 184 -10.27 -21.76 25.53
CA LEU C 184 -9.45 -22.98 25.48
C LEU C 184 -7.97 -22.74 25.22
N LYS D 7 -4.17 5.08 22.04
CA LYS D 7 -4.48 3.80 21.33
C LYS D 7 -5.27 4.04 20.06
N LEU D 8 -5.07 3.18 19.05
CA LEU D 8 -5.61 3.43 17.71
C LEU D 8 -6.76 2.49 17.27
N LYS D 9 -7.96 3.04 17.24
CA LYS D 9 -9.09 2.21 16.84
C LYS D 9 -9.20 1.99 15.35
N GLN D 10 -9.29 0.72 14.95
CA GLN D 10 -9.33 0.36 13.55
C GLN D 10 -10.49 1.08 12.92
N ASP D 11 -11.51 1.37 13.73
CA ASP D 11 -12.64 2.10 13.25
C ASP D 11 -12.12 3.45 12.78
N THR D 12 -11.34 4.09 13.65
CA THR D 12 -10.75 5.34 13.28
C THR D 12 -9.84 5.14 12.08
N ILE D 13 -9.08 4.04 12.06
CA ILE D 13 -8.20 3.74 10.94
C ILE D 13 -9.02 3.64 9.67
N ASP D 14 -10.14 2.93 9.74
CA ASP D 14 -10.91 2.75 8.54
C ASP D 14 -11.44 4.09 8.04
N ARG D 15 -11.95 4.92 8.95
CA ARG D 15 -12.52 6.20 8.53
C ARG D 15 -11.48 7.09 7.83
N LEU D 16 -10.25 7.03 8.32
CA LEU D 16 -9.14 7.76 7.73
C LEU D 16 -8.79 7.33 6.33
N THR D 17 -8.77 6.03 6.06
CA THR D 17 -8.39 5.52 4.76
C THR D 17 -9.39 5.89 3.68
N THR D 18 -10.66 5.84 4.05
CA THR D 18 -11.71 6.31 3.22
C THR D 18 -11.80 7.84 3.14
N ASP D 19 -11.40 8.56 4.18
CA ASP D 19 -11.56 9.99 4.14
C ASP D 19 -10.27 10.68 3.69
N THR D 20 -9.16 9.96 3.68
CA THR D 20 -7.91 10.60 3.31
C THR D 20 -7.03 9.83 2.28
N TYR D 21 -5.90 10.45 1.94
CA TYR D 21 -4.96 9.97 0.97
C TYR D 21 -3.82 9.21 1.65
N PHE D 22 -3.87 8.98 2.96
CA PHE D 22 -2.82 8.17 3.54
C PHE D 22 -3.10 6.67 3.48
N THR D 23 -2.03 5.88 3.46
CA THR D 23 -2.17 4.41 3.59
C THR D 23 -2.46 3.99 5.02
N GLU D 24 -3.10 2.84 5.16
CA GLU D 24 -3.27 2.24 6.46
C GLU D 24 -1.89 2.06 7.04
N LYS D 25 -0.95 1.61 6.22
CA LYS D 25 0.38 1.38 6.69
C LYS D 25 1.03 2.63 7.25
N GLU D 26 0.92 3.74 6.55
CA GLU D 26 1.55 4.96 7.03
C GLU D 26 0.87 5.56 8.27
N ILE D 27 -0.44 5.41 8.38
CA ILE D 27 -1.11 5.86 9.57
C ILE D 27 -0.56 5.08 10.77
N ARG D 28 -0.44 3.77 10.63
CA ARG D 28 0.08 2.96 11.72
C ARG D 28 1.44 3.44 12.10
N GLN D 29 2.32 3.63 11.15
CA GLN D 29 3.62 4.20 11.48
C GLN D 29 3.53 5.60 12.13
N TRP D 30 2.77 6.49 11.51
CA TRP D 30 2.70 7.88 11.94
C TRP D 30 2.19 7.97 13.36
N HIS D 31 1.29 7.06 13.73
CA HIS D 31 0.64 7.09 15.03
C HIS D 31 1.65 6.89 16.12
N LYS D 32 2.61 6.01 15.86
CA LYS D 32 3.58 5.72 16.87
C LYS D 32 4.46 6.90 17.15
N GLY D 33 4.89 7.58 16.10
CA GLY D 33 5.64 8.82 16.27
C GLY D 33 4.80 9.85 17.02
N PHE D 34 3.51 9.87 16.73
CA PHE D 34 2.65 10.88 17.31
C PHE D 34 2.54 10.60 18.79
N LEU D 35 2.31 9.33 19.10
CA LEU D 35 2.12 8.86 20.47
C LEU D 35 3.36 9.04 21.30
N LYS D 36 4.52 8.83 20.67
CA LYS D 36 5.79 9.06 21.35
C LYS D 36 5.93 10.51 21.81
N ASP D 37 5.60 11.46 20.96
CA ASP D 37 5.60 12.86 21.38
C ASP D 37 4.44 13.23 22.30
N CYS D 38 3.24 12.74 22.02
CA CYS D 38 2.10 13.02 22.89
C CYS D 38 1.60 11.78 23.54
N PRO D 39 2.16 11.47 24.71
CA PRO D 39 1.79 10.30 25.44
C PRO D 39 0.28 10.29 25.60
N ASN D 40 -0.30 11.47 25.72
CA ASN D 40 -1.75 11.52 25.86
C ASN D 40 -2.47 10.90 24.69
N GLY D 41 -1.96 11.14 23.49
CA GLY D 41 -2.74 11.04 22.24
C GLY D 41 -3.37 12.41 21.95
N LEU D 42 -2.90 13.41 22.67
CA LEU D 42 -3.44 14.74 22.54
C LEU D 42 -2.31 15.69 22.40
N LEU D 43 -2.33 16.49 21.35
CA LEU D 43 -1.24 17.41 21.12
C LEU D 43 -1.74 18.80 21.38
N THR D 44 -1.02 19.50 22.24
CA THR D 44 -1.45 20.81 22.71
C THR D 44 -0.98 21.90 21.82
N GLU D 45 -1.50 23.10 22.05
CA GLU D 45 -1.00 24.23 21.33
C GLU D 45 0.48 24.31 21.57
N GLN D 46 0.92 24.09 22.80
CA GLN D 46 2.31 24.33 23.09
C GLN D 46 3.24 23.37 22.34
N GLY D 47 2.79 22.13 22.24
CA GLY D 47 3.51 21.15 21.45
C GLY D 47 3.53 21.62 20.03
N PHE D 48 2.40 22.14 19.56
CA PHE D 48 2.27 22.45 18.15
C PHE D 48 3.29 23.52 17.83
N ILE D 49 3.41 24.45 18.77
CA ILE D 49 4.34 25.54 18.64
C ILE D 49 5.77 25.03 18.59
N LYS D 50 6.06 23.97 19.36
CA LYS D 50 7.42 23.43 19.38
C LYS D 50 7.81 22.93 17.98
N ILE D 51 6.86 22.30 17.28
CA ILE D 51 7.18 21.76 15.99
C ILE D 51 7.60 22.87 15.04
N TYR D 52 6.80 23.93 14.98
CA TYR D 52 7.14 25.01 14.07
C TYR D 52 8.50 25.56 14.39
N LYS D 53 8.91 25.47 15.65
CA LYS D 53 10.25 25.94 16.04
C LYS D 53 11.41 25.23 15.33
N GLN D 54 11.31 23.91 15.26
CA GLN D 54 12.37 23.16 14.66
C GLN D 54 12.62 23.72 13.26
N PHE D 55 11.54 24.05 12.56
CA PHE D 55 11.73 24.58 11.23
C PHE D 55 12.23 26.00 11.16
N PHE D 56 11.92 26.82 12.15
CA PHE D 56 12.32 28.22 12.15
C PHE D 56 12.83 28.63 13.52
N PRO D 57 13.98 28.09 13.92
CA PRO D 57 14.45 28.45 15.25
C PRO D 57 14.77 29.93 15.26
N ASP D 58 15.50 30.40 14.27
CA ASP D 58 15.82 31.81 14.18
C ASP D 58 14.52 32.51 13.92
N GLY D 59 14.23 33.55 14.73
CA GLY D 59 12.93 34.22 14.69
C GLY D 59 11.84 33.55 15.52
N ASP D 60 10.63 34.10 15.48
CA ASP D 60 9.52 33.56 16.29
C ASP D 60 8.43 32.90 15.42
N PRO D 61 8.10 31.59 15.69
CA PRO D 61 7.04 31.05 14.86
C PRO D 61 5.71 30.95 15.63
N SER D 62 5.64 31.57 16.80
CA SER D 62 4.51 31.33 17.71
C SER D 62 3.16 31.79 17.15
N LYS D 63 3.14 32.95 16.47
CA LYS D 63 1.89 33.46 15.93
C LYS D 63 1.32 32.59 14.83
N PHE D 64 2.15 32.32 13.83
CA PHE D 64 1.70 31.56 12.70
C PHE D 64 1.16 30.25 13.19
N ALA D 65 1.90 29.61 14.08
CA ALA D 65 1.50 28.30 14.49
C ALA D 65 0.17 28.28 15.19
N SER D 66 -0.14 29.32 15.95
CA SER D 66 -1.37 29.29 16.71
C SER D 66 -2.55 29.53 15.77
N LEU D 67 -2.35 30.32 14.73
CA LEU D 67 -3.38 30.40 13.70
C LEU D 67 -3.62 29.04 13.04
N VAL D 68 -2.54 28.35 12.70
CA VAL D 68 -2.63 27.07 12.01
C VAL D 68 -3.31 26.10 12.94
N PHE D 69 -2.99 26.24 14.23
CA PHE D 69 -3.42 25.27 15.22
C PHE D 69 -4.94 25.27 15.31
N ARG D 70 -5.52 26.46 15.16
CA ARG D 70 -6.95 26.59 15.24
C ARG D 70 -7.67 25.90 14.07
N VAL D 71 -7.08 25.96 12.87
CA VAL D 71 -7.59 25.15 11.77
C VAL D 71 -7.40 23.65 12.04
N PHE D 72 -6.23 23.18 12.49
CA PHE D 72 -6.10 21.72 12.75
C PHE D 72 -7.17 21.25 13.76
N ASP D 73 -7.46 22.08 14.78
CA ASP D 73 -8.37 21.71 15.86
C ASP D 73 -9.76 22.08 15.41
N GLU D 74 -10.37 21.08 14.81
CA GLU D 74 -11.60 21.20 14.12
C GLU D 74 -12.77 21.38 15.08
N ASN D 75 -12.70 20.78 16.27
CA ASN D 75 -13.75 20.92 17.27
C ASN D 75 -13.40 21.88 18.40
N ASN D 76 -12.40 22.70 18.16
CA ASN D 76 -12.26 23.91 18.97
C ASN D 76 -11.97 23.61 20.40
N ASP D 77 -11.78 22.34 20.69
CA ASP D 77 -11.73 21.89 22.06
C ASP D 77 -10.36 22.07 22.67
N GLY D 78 -9.56 22.97 22.10
CA GLY D 78 -8.23 23.25 22.60
C GLY D 78 -7.18 22.17 22.33
N ALA D 79 -7.60 21.04 21.75
CA ALA D 79 -6.65 19.93 21.51
C ALA D 79 -6.70 19.24 20.11
N ILE D 80 -5.51 18.86 19.65
CA ILE D 80 -5.34 18.18 18.35
C ILE D 80 -5.19 16.68 18.54
N GLU D 81 -6.28 15.96 18.33
CA GLU D 81 -6.26 14.50 18.29
C GLU D 81 -5.62 13.95 17.01
N PHE D 82 -5.19 12.69 17.07
CA PHE D 82 -4.51 12.07 15.96
C PHE D 82 -5.34 12.13 14.69
N GLU D 83 -6.65 11.90 14.79
CA GLU D 83 -7.54 12.01 13.66
C GLU D 83 -7.45 13.39 13.05
N GLU D 84 -7.46 14.40 13.91
CA GLU D 84 -7.41 15.76 13.43
C GLU D 84 -6.07 16.03 12.79
N PHE D 85 -5.04 15.36 13.28
CA PHE D 85 -3.68 15.57 12.79
C PHE D 85 -3.54 14.99 11.39
N ILE D 86 -4.04 13.76 11.21
CA ILE D 86 -3.95 13.08 9.92
C ILE D 86 -4.76 13.79 8.84
N ARG D 87 -5.98 14.24 9.18
CA ARG D 87 -6.87 14.89 8.22
C ARG D 87 -6.33 16.21 7.69
N ALA D 88 -5.75 17.01 8.55
CA ALA D 88 -5.25 18.28 8.13
C ALA D 88 -4.04 18.03 7.23
N LEU D 89 -3.18 17.12 7.65
CA LEU D 89 -1.97 16.87 6.91
C LEU D 89 -2.26 16.24 5.56
N SER D 90 -3.27 15.40 5.49
CA SER D 90 -3.67 14.79 4.26
C SER D 90 -4.02 15.86 3.24
N ILE D 91 -4.80 16.84 3.64
CA ILE D 91 -5.23 17.87 2.76
C ILE D 91 -4.10 18.78 2.35
N THR D 92 -3.32 19.26 3.32
CA THR D 92 -2.27 20.19 2.97
C THR D 92 -1.10 19.56 2.23
N SER D 93 -0.72 18.35 2.59
CA SER D 93 0.41 17.71 1.90
C SER D 93 0.07 16.95 0.63
N ARG D 94 -1.17 16.45 0.47
CA ARG D 94 -1.48 15.56 -0.66
C ARG D 94 -2.77 15.94 -1.41
N GLY D 95 -3.41 17.05 -1.06
CA GLY D 95 -4.71 17.37 -1.67
C GLY D 95 -4.52 17.98 -3.04
N ASN D 96 -5.61 18.01 -3.79
CA ASN D 96 -5.68 18.73 -5.04
C ASN D 96 -5.74 20.23 -4.78
N LEU D 97 -5.56 21.06 -5.79
CA LEU D 97 -5.56 22.48 -5.58
C LEU D 97 -6.84 22.98 -4.90
N ASP D 98 -8.01 22.48 -5.29
CA ASP D 98 -9.25 22.97 -4.69
C ASP D 98 -9.31 22.67 -3.18
N GLU D 99 -8.98 21.47 -2.77
CA GLU D 99 -8.94 21.10 -1.36
C GLU D 99 -7.93 21.94 -0.58
N LYS D 100 -6.77 22.18 -1.13
CA LYS D 100 -5.84 23.04 -0.49
C LYS D 100 -6.27 24.49 -0.34
N LEU D 101 -6.83 25.11 -1.36
CA LEU D 101 -7.32 26.46 -1.24
C LEU D 101 -8.47 26.56 -0.23
N HIS D 102 -9.24 25.52 -0.11
CA HIS D 102 -10.31 25.51 0.86
C HIS D 102 -9.68 25.62 2.26
N TRP D 103 -8.62 24.86 2.44
CA TRP D 103 -7.89 24.91 3.68
C TRP D 103 -7.17 26.26 3.90
N ALA D 104 -6.55 26.86 2.87
CA ALA D 104 -5.89 28.14 3.05
C ALA D 104 -6.91 29.17 3.42
N PHE D 105 -8.12 28.99 2.90
CA PHE D 105 -9.21 29.88 3.17
C PHE D 105 -9.57 29.84 4.66
N ARG D 106 -9.72 28.66 5.24
CA ARG D 106 -10.05 28.55 6.66
C ARG D 106 -8.93 29.20 7.48
N LEU D 107 -7.69 29.07 7.02
CA LEU D 107 -6.55 29.67 7.69
C LEU D 107 -6.64 31.16 7.71
N TYR D 108 -6.99 31.75 6.55
CA TYR D 108 -7.09 33.21 6.46
C TYR D 108 -8.29 33.73 7.24
N ASP D 109 -9.38 32.95 7.23
CA ASP D 109 -10.57 33.37 7.86
C ASP D 109 -10.52 33.11 9.40
N VAL D 110 -9.84 34.03 10.11
CA VAL D 110 -9.59 33.83 11.53
C VAL D 110 -10.88 33.68 12.30
N ASP D 111 -11.92 34.46 11.98
CA ASP D 111 -13.12 34.37 12.84
C ASP D 111 -14.21 33.47 12.30
N ASN D 112 -13.87 32.62 11.36
CA ASN D 112 -14.85 31.71 10.75
C ASN D 112 -16.18 32.34 10.31
N ASP D 113 -16.17 33.62 9.95
CA ASP D 113 -17.39 34.23 9.43
C ASP D 113 -17.74 33.66 8.04
N GLY D 114 -16.71 33.33 7.25
CA GLY D 114 -16.91 32.80 5.92
C GLY D 114 -16.53 33.82 4.87
N TYR D 115 -15.84 34.87 5.29
CA TYR D 115 -15.38 35.88 4.39
C TYR D 115 -13.99 36.15 4.89
N ILE D 116 -13.12 36.59 4.00
CA ILE D 116 -11.83 37.05 4.45
C ILE D 116 -11.71 38.53 4.25
N THR D 117 -11.31 39.20 5.33
CA THR D 117 -11.13 40.63 5.30
C THR D 117 -9.66 41.00 5.13
N ARG D 118 -9.43 42.24 4.72
CA ARG D 118 -8.09 42.74 4.50
C ARG D 118 -7.28 42.62 5.79
N GLU D 119 -7.97 42.74 6.92
CA GLU D 119 -7.30 42.71 8.22
C GLU D 119 -6.68 41.34 8.47
N GLU D 120 -7.39 40.32 8.01
CA GLU D 120 -6.99 38.94 8.22
C GLU D 120 -5.81 38.52 7.34
N MET D 121 -5.86 38.89 6.07
CA MET D 121 -4.78 38.58 5.15
C MET D 121 -3.53 39.25 5.63
N TYR D 122 -3.77 40.46 6.08
CA TYR D 122 -2.80 41.31 6.71
C TYR D 122 -2.18 40.55 7.88
N ASN D 123 -3.03 39.94 8.70
CA ASN D 123 -2.58 39.25 9.89
C ASN D 123 -1.71 38.01 9.59
N ILE D 124 -2.08 37.22 8.59
CA ILE D 124 -1.33 36.01 8.30
C ILE D 124 0.07 36.37 7.80
N VAL D 125 0.17 37.40 6.97
CA VAL D 125 1.47 37.81 6.44
C VAL D 125 2.45 38.18 7.55
N ASP D 126 1.90 38.87 8.54
CA ASP D 126 2.63 39.32 9.69
C ASP D 126 3.17 38.13 10.47
N ALA D 127 2.31 37.15 10.72
CA ALA D 127 2.65 36.02 11.55
C ALA D 127 3.82 35.29 10.93
N ILE D 128 3.81 35.26 9.60
CA ILE D 128 4.84 34.59 8.81
C ILE D 128 6.13 35.35 9.03
N TYR D 129 6.05 36.65 8.82
CA TYR D 129 7.20 37.51 8.85
C TYR D 129 7.88 37.38 10.18
N GLN D 130 7.08 37.22 11.22
CA GLN D 130 7.58 36.95 12.55
C GLN D 130 8.29 35.61 12.61
N MET D 131 7.66 34.59 12.03
CA MET D 131 8.11 33.22 12.21
C MET D 131 9.46 32.91 11.59
N VAL D 132 9.79 33.65 10.54
CA VAL D 132 11.02 33.46 9.82
C VAL D 132 12.07 34.36 10.46
N PRO D 144 4.71 46.82 2.67
CA PRO D 144 4.31 45.42 2.78
C PRO D 144 2.79 45.23 2.82
N GLN D 145 2.09 46.17 3.45
CA GLN D 145 0.64 46.10 3.47
C GLN D 145 0.13 46.37 2.11
N LYS D 146 0.75 47.31 1.42
CA LYS D 146 0.25 47.70 0.11
C LYS D 146 0.37 46.55 -0.88
N ARG D 147 1.36 45.69 -0.68
CA ARG D 147 1.49 44.52 -1.54
C ARG D 147 0.28 43.63 -1.36
N VAL D 148 -0.21 43.51 -0.14
CA VAL D 148 -1.42 42.80 0.10
C VAL D 148 -2.54 43.51 -0.59
N ASP D 149 -2.46 44.84 -0.62
CA ASP D 149 -3.58 45.62 -1.08
C ASP D 149 -3.91 45.35 -2.52
N LYS D 150 -2.89 45.41 -3.38
CA LYS D 150 -3.06 45.16 -4.81
C LYS D 150 -3.57 43.73 -5.05
N ILE D 151 -3.02 42.79 -4.30
CA ILE D 151 -3.53 41.42 -4.31
C ILE D 151 -4.97 41.34 -3.81
N PHE D 152 -5.23 41.90 -2.64
CA PHE D 152 -6.57 41.83 -2.13
C PHE D 152 -7.45 42.54 -3.15
N ASP D 153 -6.93 43.65 -3.67
CA ASP D 153 -7.65 44.46 -4.61
C ASP D 153 -8.10 43.69 -5.84
N GLN D 154 -7.13 43.13 -6.56
CA GLN D 154 -7.43 42.31 -7.74
C GLN D 154 -8.34 41.16 -7.35
N MET D 155 -8.17 40.71 -6.09
CA MET D 155 -8.97 39.62 -5.57
C MET D 155 -10.48 39.85 -5.35
N ASP D 156 -10.88 40.97 -4.73
CA ASP D 156 -12.34 41.21 -4.41
C ASP D 156 -13.12 41.62 -5.63
N LYS D 157 -14.02 40.73 -6.06
CA LYS D 157 -14.81 40.90 -7.26
C LYS D 157 -15.79 42.06 -7.14
N ASN D 158 -16.62 42.03 -6.11
CA ASN D 158 -17.65 43.04 -5.95
C ASN D 158 -17.15 44.24 -5.17
N HIS D 159 -15.94 44.12 -4.62
CA HIS D 159 -15.28 45.27 -4.07
C HIS D 159 -15.82 45.64 -2.72
N ASP D 160 -16.73 44.80 -2.21
CA ASP D 160 -17.36 45.03 -0.93
C ASP D 160 -16.37 44.77 0.19
N ASP D 161 -15.11 44.67 -0.19
CA ASP D 161 -14.01 44.62 0.74
C ASP D 161 -14.05 43.38 1.63
N ARG D 162 -14.70 42.36 1.10
CA ARG D 162 -14.62 41.02 1.64
C ARG D 162 -14.41 39.99 0.52
N LEU D 163 -13.66 38.94 0.81
CA LEU D 163 -13.58 37.80 -0.09
C LEU D 163 -14.37 36.63 0.41
N THR D 164 -15.25 36.11 -0.45
CA THR D 164 -15.84 34.80 -0.22
C THR D 164 -14.83 33.70 -0.60
N LEU D 165 -15.22 32.44 -0.41
CA LEU D 165 -14.44 31.30 -0.80
C LEU D 165 -14.37 31.22 -2.31
N GLU D 166 -15.46 31.53 -2.98
CA GLU D 166 -15.49 31.54 -4.44
C GLU D 166 -14.53 32.59 -4.97
N GLU D 167 -14.44 33.69 -4.28
CA GLU D 167 -13.57 34.76 -4.72
C GLU D 167 -12.11 34.50 -4.47
N PHE D 168 -11.79 33.97 -3.29
CA PHE D 168 -10.41 33.68 -2.91
C PHE D 168 -9.88 32.52 -3.77
N ARG D 169 -10.72 31.52 -4.01
CA ARG D 169 -10.36 30.39 -4.83
C ARG D 169 -10.08 30.76 -6.25
N GLU D 170 -11.01 31.43 -6.89
CA GLU D 170 -10.78 31.84 -8.27
C GLU D 170 -9.62 32.81 -8.31
N GLY D 171 -9.47 33.63 -7.28
CA GLY D 171 -8.40 34.59 -7.24
C GLY D 171 -7.07 33.91 -7.10
N SER D 172 -6.99 32.88 -6.29
CA SER D 172 -5.70 32.23 -6.12
C SER D 172 -5.31 31.39 -7.34
N LYS D 173 -6.30 30.78 -7.98
CA LYS D 173 -6.04 29.90 -9.14
C LYS D 173 -5.63 30.76 -10.27
N ALA D 174 -4.46 30.50 -10.81
CA ALA D 174 -4.05 31.11 -12.04
C ALA D 174 -4.46 30.21 -13.23
N ASP D 175 -4.57 30.78 -14.41
CA ASP D 175 -4.59 29.99 -15.66
C ASP D 175 -3.29 29.22 -15.65
N PRO D 176 -3.30 27.96 -16.10
CA PRO D 176 -2.06 27.20 -16.30
C PRO D 176 -0.96 27.96 -17.11
N ARG D 177 0.31 27.71 -16.76
CA ARG D 177 1.42 28.45 -17.33
C ARG D 177 1.43 28.26 -18.82
N MET D 178 1.05 27.08 -19.26
CA MET D 178 1.03 26.85 -20.69
C MET D 178 -0.07 27.59 -21.45
N VAL D 179 -1.25 27.70 -20.84
CA VAL D 179 -2.33 28.52 -21.36
C VAL D 179 -1.81 29.97 -21.41
N GLN D 180 -1.10 30.37 -20.36
CA GLN D 180 -0.57 31.72 -20.29
C GLN D 180 0.34 32.01 -21.48
N ALA D 181 1.02 30.97 -21.96
CA ALA D 181 1.96 31.10 -23.06
C ALA D 181 1.33 31.17 -24.46
N LEU D 182 0.03 30.94 -24.58
CA LEU D 182 -0.62 30.92 -25.87
C LEU D 182 -1.43 32.19 -26.07
CA CA E . -0.62 -11.50 -1.14
CA CA F . 15.58 -23.39 3.98
CA CA G . 24.87 -29.17 -0.36
CA CA H . -2.75 13.46 -30.05
CA CA I . 11.87 -2.66 -7.95
CA CA J . 9.60 1.30 -18.81
NA NA K . 1.77 9.27 -26.05
CA CA L . 5.32 -16.20 11.32
CA CA M . -14.75 -12.86 7.30
CA CA N . -24.44 -6.54 10.94
CA CA O . -9.72 18.91 18.83
CA CA P . -16.45 40.45 -2.30
CA CA Q . -13.15 36.45 8.69
#